data_6DS6
# 
_entry.id   6DS6 
# 
_audit_conform.dict_name       mmcif_pdbx.dic 
_audit_conform.dict_version    5.387 
_audit_conform.dict_location   http://mmcif.pdb.org/dictionaries/ascii/mmcif_pdbx.dic 
# 
loop_
_database_2.database_id 
_database_2.database_code 
_database_2.pdbx_database_accession 
_database_2.pdbx_DOI 
PDB   6DS6         pdb_00006ds6 10.2210/pdb6ds6/pdb 
WWPDB D_1000228938 ?            ?                   
# 
loop_
_pdbx_audit_revision_history.ordinal 
_pdbx_audit_revision_history.data_content_type 
_pdbx_audit_revision_history.major_revision 
_pdbx_audit_revision_history.minor_revision 
_pdbx_audit_revision_history.revision_date 
1 'Structure model' 1 0 2018-08-29 
2 'Structure model' 1 1 2018-09-12 
3 'Structure model' 1 2 2018-09-19 
4 'Structure model' 1 3 2024-03-13 
# 
_pdbx_audit_revision_details.ordinal             1 
_pdbx_audit_revision_details.revision_ordinal    1 
_pdbx_audit_revision_details.data_content_type   'Structure model' 
_pdbx_audit_revision_details.provider            repository 
_pdbx_audit_revision_details.type                'Initial release' 
_pdbx_audit_revision_details.description         ? 
_pdbx_audit_revision_details.details             ? 
# 
loop_
_pdbx_audit_revision_group.ordinal 
_pdbx_audit_revision_group.revision_ordinal 
_pdbx_audit_revision_group.data_content_type 
_pdbx_audit_revision_group.group 
1 2 'Structure model' 'Data collection'     
2 2 'Structure model' 'Database references' 
3 3 'Structure model' 'Data collection'     
4 3 'Structure model' 'Database references' 
5 4 'Structure model' 'Data collection'     
6 4 'Structure model' 'Database references' 
# 
loop_
_pdbx_audit_revision_category.ordinal 
_pdbx_audit_revision_category.revision_ordinal 
_pdbx_audit_revision_category.data_content_type 
_pdbx_audit_revision_category.category 
1 2 'Structure model' citation        
2 2 'Structure model' citation_author 
3 3 'Structure model' citation        
4 4 'Structure model' chem_comp_atom  
5 4 'Structure model' chem_comp_bond  
6 4 'Structure model' database_2      
# 
loop_
_pdbx_audit_revision_item.ordinal 
_pdbx_audit_revision_item.revision_ordinal 
_pdbx_audit_revision_item.data_content_type 
_pdbx_audit_revision_item.item 
1 2 'Structure model' '_citation.journal_abbrev'            
2 2 'Structure model' '_citation.pdbx_database_id_PubMed'   
3 2 'Structure model' '_citation.title'                     
4 3 'Structure model' '_citation.journal_volume'            
5 3 'Structure model' '_citation.page_first'                
6 3 'Structure model' '_citation.page_last'                 
7 4 'Structure model' '_database_2.pdbx_DOI'                
8 4 'Structure model' '_database_2.pdbx_database_accession' 
# 
_pdbx_database_status.status_code                     REL 
_pdbx_database_status.status_code_sf                  REL 
_pdbx_database_status.status_code_mr                  ? 
_pdbx_database_status.entry_id                        6DS6 
_pdbx_database_status.recvd_initial_deposition_date   2018-06-13 
_pdbx_database_status.SG_entry                        N 
_pdbx_database_status.deposit_site                    RCSB 
_pdbx_database_status.process_site                    RCSB 
_pdbx_database_status.status_code_cs                  ? 
_pdbx_database_status.methods_development_category    ? 
_pdbx_database_status.pdb_format_compatible           Y 
_pdbx_database_status.status_code_nmr_data            ? 
# 
loop_
_audit_author.name 
_audit_author.pdbx_ordinal 
_audit_author.identifier_ORCID 
'Zhang, Y.'         1 ? 
'Kutateladze, T.G.' 2 ? 
# 
_citation.abstract                  ? 
_citation.abstract_id_CAS           ? 
_citation.book_id_ISBN              ? 
_citation.book_publisher            ? 
_citation.book_publisher_city       ? 
_citation.book_title                ? 
_citation.coordinate_linkage        ? 
_citation.country                   US 
_citation.database_id_Medline       ? 
_citation.details                   ? 
_citation.id                        primary 
_citation.journal_abbrev            'Nat. Struct. Mol. Biol.' 
_citation.journal_id_ASTM           ? 
_citation.journal_id_CSD            ? 
_citation.journal_id_ISSN           1545-9985 
_citation.journal_full              ? 
_citation.journal_issue             ? 
_citation.journal_volume            25 
_citation.language                  ? 
_citation.page_first                841 
_citation.page_last                 849 
_citation.title                     'The ZZ domain of p300 mediates specificity of the adjacent HAT domain for histone H3.' 
_citation.year                      2018 
_citation.database_id_CSD           ? 
_citation.pdbx_database_id_DOI      10.1038/s41594-018-0114-9 
_citation.pdbx_database_id_PubMed   30150647 
_citation.unpublished_flag          ? 
# 
loop_
_citation_author.citation_id 
_citation_author.name 
_citation_author.ordinal 
_citation_author.identifier_ORCID 
primary 'Zhang, Y.'         1  ? 
primary 'Xue, Y.'           2  ? 
primary 'Shi, J.'           3  ? 
primary 'Ahn, J.'           4  ? 
primary 'Mi, W.'            5  ? 
primary 'Ali, M.'           6  ? 
primary 'Wang, X.'          7  ? 
primary 'Klein, B.J.'       8  ? 
primary 'Wen, H.'           9  ? 
primary 'Li, W.'            10 ? 
primary 'Shi, X.'           11 ? 
primary 'Kutateladze, T.G.' 12 ? 
# 
loop_
_entity.id 
_entity.type 
_entity.src_method 
_entity.pdbx_description 
_entity.formula_weight 
_entity.pdbx_number_of_molecules 
_entity.pdbx_ec 
_entity.pdbx_mutation 
_entity.pdbx_fragment 
_entity.details 
1 polymer     man 'Histone H3 peptide-Histone acetyltransferase p300 Chimeric protein' 6845.736 1  2.3.1.48,2.3.1.- ? ? ? 
2 non-polymer syn 'ZINC ION'                                                           65.409   2  ?                ? ? ? 
3 non-polymer syn 'CHLORIDE ION'                                                       35.453   1  ?                ? ? ? 
4 water       nat water                                                                18.015   57 ?                ? ? ? 
# 
_entity_name_com.entity_id   1 
_entity_name_com.name        
;p300 HAT,E1A-associated protein p300,Histone butyryltransferase p300,Histone crotonyltransferase p300,Protein propionyltransferase p300
;
# 
_entity_poly.entity_id                      1 
_entity_poly.type                           'polypeptide(L)' 
_entity_poly.nstd_linkage                   no 
_entity_poly.nstd_monomer                   no 
_entity_poly.pdbx_seq_one_letter_code       ARTKQTQDRFVYTCNECKHHVETRWHCTVCEDYDLCITCYNTKNHDHKMEKLGLGLD 
_entity_poly.pdbx_seq_one_letter_code_can   ARTKQTQDRFVYTCNECKHHVETRWHCTVCEDYDLCITCYNTKNHDHKMEKLGLGLD 
_entity_poly.pdbx_strand_id                 A 
_entity_poly.pdbx_target_identifier         ? 
# 
loop_
_pdbx_entity_nonpoly.entity_id 
_pdbx_entity_nonpoly.name 
_pdbx_entity_nonpoly.comp_id 
2 'ZINC ION'     ZN  
3 'CHLORIDE ION' CL  
4 water          HOH 
# 
loop_
_entity_poly_seq.entity_id 
_entity_poly_seq.num 
_entity_poly_seq.mon_id 
_entity_poly_seq.hetero 
1 1  ALA n 
1 2  ARG n 
1 3  THR n 
1 4  LYS n 
1 5  GLN n 
1 6  THR n 
1 7  GLN n 
1 8  ASP n 
1 9  ARG n 
1 10 PHE n 
1 11 VAL n 
1 12 TYR n 
1 13 THR n 
1 14 CYS n 
1 15 ASN n 
1 16 GLU n 
1 17 CYS n 
1 18 LYS n 
1 19 HIS n 
1 20 HIS n 
1 21 VAL n 
1 22 GLU n 
1 23 THR n 
1 24 ARG n 
1 25 TRP n 
1 26 HIS n 
1 27 CYS n 
1 28 THR n 
1 29 VAL n 
1 30 CYS n 
1 31 GLU n 
1 32 ASP n 
1 33 TYR n 
1 34 ASP n 
1 35 LEU n 
1 36 CYS n 
1 37 ILE n 
1 38 THR n 
1 39 CYS n 
1 40 TYR n 
1 41 ASN n 
1 42 THR n 
1 43 LYS n 
1 44 ASN n 
1 45 HIS n 
1 46 ASP n 
1 47 HIS n 
1 48 LYS n 
1 49 MET n 
1 50 GLU n 
1 51 LYS n 
1 52 LEU n 
1 53 GLY n 
1 54 LEU n 
1 55 GLY n 
1 56 LEU n 
1 57 ASP n 
# 
loop_
_entity_src_gen.entity_id 
_entity_src_gen.pdbx_src_id 
_entity_src_gen.pdbx_alt_source_flag 
_entity_src_gen.pdbx_seq_type 
_entity_src_gen.pdbx_beg_seq_num 
_entity_src_gen.pdbx_end_seq_num 
_entity_src_gen.gene_src_common_name 
_entity_src_gen.gene_src_genus 
_entity_src_gen.pdbx_gene_src_gene 
_entity_src_gen.gene_src_species 
_entity_src_gen.gene_src_strain 
_entity_src_gen.gene_src_tissue 
_entity_src_gen.gene_src_tissue_fraction 
_entity_src_gen.gene_src_details 
_entity_src_gen.pdbx_gene_src_fragment 
_entity_src_gen.pdbx_gene_src_scientific_name 
_entity_src_gen.pdbx_gene_src_ncbi_taxonomy_id 
_entity_src_gen.pdbx_gene_src_variant 
_entity_src_gen.pdbx_gene_src_cell_line 
_entity_src_gen.pdbx_gene_src_atcc 
_entity_src_gen.pdbx_gene_src_organ 
_entity_src_gen.pdbx_gene_src_organelle 
_entity_src_gen.pdbx_gene_src_cell 
_entity_src_gen.pdbx_gene_src_cellular_location 
_entity_src_gen.host_org_common_name 
_entity_src_gen.pdbx_host_org_scientific_name 
_entity_src_gen.pdbx_host_org_ncbi_taxonomy_id 
_entity_src_gen.host_org_genus 
_entity_src_gen.pdbx_host_org_gene 
_entity_src_gen.pdbx_host_org_organ 
_entity_src_gen.host_org_species 
_entity_src_gen.pdbx_host_org_tissue 
_entity_src_gen.pdbx_host_org_tissue_fraction 
_entity_src_gen.pdbx_host_org_strain 
_entity_src_gen.pdbx_host_org_variant 
_entity_src_gen.pdbx_host_org_cell_line 
_entity_src_gen.pdbx_host_org_atcc 
_entity_src_gen.pdbx_host_org_culture_collection 
_entity_src_gen.pdbx_host_org_cell 
_entity_src_gen.pdbx_host_org_organelle 
_entity_src_gen.pdbx_host_org_cellular_location 
_entity_src_gen.pdbx_host_org_vector_type 
_entity_src_gen.pdbx_host_org_vector 
_entity_src_gen.host_org_details 
_entity_src_gen.expression_system_id 
_entity_src_gen.plasmid_name 
_entity_src_gen.plasmid_details 
_entity_src_gen.pdbx_description 
1 1 sample 'Biological sequence' 1 6  Human ? ?             ? ? ? ? ? ? 'Homo sapiens' 9606 ? ? ? ? ? ? ? ? 'Escherichia coli' 562 
? ? ? ? ? ? ? ? ? ? ? ? ? ? ? ? ? ? ? ? ? 
1 2 sample 'Biological sequence' 7 57 Human ? 'EP300, P300' ? ? ? ? ? ? 'Homo sapiens' 9606 ? ? ? ? ? ? ? ? 'Escherichia coli' 562 
? ? ? ? ? ? ? ? ? ? ? ? ? ? ? ? ? ? ? ? ? 
# 
loop_
_chem_comp.id 
_chem_comp.type 
_chem_comp.mon_nstd_flag 
_chem_comp.name 
_chem_comp.pdbx_synonyms 
_chem_comp.formula 
_chem_comp.formula_weight 
ALA 'L-peptide linking' y ALANINE         ? 'C3 H7 N O2'     89.093  
ARG 'L-peptide linking' y ARGININE        ? 'C6 H15 N4 O2 1' 175.209 
ASN 'L-peptide linking' y ASPARAGINE      ? 'C4 H8 N2 O3'    132.118 
ASP 'L-peptide linking' y 'ASPARTIC ACID' ? 'C4 H7 N O4'     133.103 
CL  non-polymer         . 'CHLORIDE ION'  ? 'Cl -1'          35.453  
CYS 'L-peptide linking' y CYSTEINE        ? 'C3 H7 N O2 S'   121.158 
GLN 'L-peptide linking' y GLUTAMINE       ? 'C5 H10 N2 O3'   146.144 
GLU 'L-peptide linking' y 'GLUTAMIC ACID' ? 'C5 H9 N O4'     147.129 
GLY 'peptide linking'   y GLYCINE         ? 'C2 H5 N O2'     75.067  
HIS 'L-peptide linking' y HISTIDINE       ? 'C6 H10 N3 O2 1' 156.162 
HOH non-polymer         . WATER           ? 'H2 O'           18.015  
ILE 'L-peptide linking' y ISOLEUCINE      ? 'C6 H13 N O2'    131.173 
LEU 'L-peptide linking' y LEUCINE         ? 'C6 H13 N O2'    131.173 
LYS 'L-peptide linking' y LYSINE          ? 'C6 H15 N2 O2 1' 147.195 
MET 'L-peptide linking' y METHIONINE      ? 'C5 H11 N O2 S'  149.211 
PHE 'L-peptide linking' y PHENYLALANINE   ? 'C9 H11 N O2'    165.189 
THR 'L-peptide linking' y THREONINE       ? 'C4 H9 N O3'     119.119 
TRP 'L-peptide linking' y TRYPTOPHAN      ? 'C11 H12 N2 O2'  204.225 
TYR 'L-peptide linking' y TYROSINE        ? 'C9 H11 N O3'    181.189 
VAL 'L-peptide linking' y VALINE          ? 'C5 H11 N O2'    117.146 
ZN  non-polymer         . 'ZINC ION'      ? 'Zn 2'           65.409  
# 
loop_
_pdbx_poly_seq_scheme.asym_id 
_pdbx_poly_seq_scheme.entity_id 
_pdbx_poly_seq_scheme.seq_id 
_pdbx_poly_seq_scheme.mon_id 
_pdbx_poly_seq_scheme.ndb_seq_num 
_pdbx_poly_seq_scheme.pdb_seq_num 
_pdbx_poly_seq_scheme.auth_seq_num 
_pdbx_poly_seq_scheme.pdb_mon_id 
_pdbx_poly_seq_scheme.auth_mon_id 
_pdbx_poly_seq_scheme.pdb_strand_id 
_pdbx_poly_seq_scheme.pdb_ins_code 
_pdbx_poly_seq_scheme.hetero 
A 1 1  ALA 1  1  1    ALA ALA A . n 
A 1 2  ARG 2  2  2    ARG ARG A . n 
A 1 3  THR 3  3  3    THR THR A . n 
A 1 4  LYS 4  4  4    LYS LYS A . n 
A 1 5  GLN 5  5  5    GLN GLN A . n 
A 1 6  THR 6  6  6    THR THR A . n 
A 1 7  GLN 7  7  1663 GLN GLN A . n 
A 1 8  ASP 8  8  1664 ASP ASP A . n 
A 1 9  ARG 9  9  1665 ARG ARG A . n 
A 1 10 PHE 10 10 1666 PHE PHE A . n 
A 1 11 VAL 11 11 1667 VAL VAL A . n 
A 1 12 TYR 12 12 1668 TYR TYR A . n 
A 1 13 THR 13 13 1669 THR THR A . n 
A 1 14 CYS 14 14 1670 CYS CYS A . n 
A 1 15 ASN 15 15 1671 ASN ASN A . n 
A 1 16 GLU 16 16 1672 GLU GLU A . n 
A 1 17 CYS 17 17 1673 CYS CYS A . n 
A 1 18 LYS 18 18 1674 LYS LYS A . n 
A 1 19 HIS 19 19 1675 HIS HIS A . n 
A 1 20 HIS 20 20 1676 HIS HIS A . n 
A 1 21 VAL 21 21 1677 VAL VAL A . n 
A 1 22 GLU 22 22 1678 GLU GLU A . n 
A 1 23 THR 23 23 1679 THR THR A . n 
A 1 24 ARG 24 24 1680 ARG ARG A . n 
A 1 25 TRP 25 25 1681 TRP TRP A . n 
A 1 26 HIS 26 26 1682 HIS HIS A . n 
A 1 27 CYS 27 27 1683 CYS CYS A . n 
A 1 28 THR 28 28 1684 THR THR A . n 
A 1 29 VAL 29 29 1685 VAL VAL A . n 
A 1 30 CYS 30 30 1686 CYS CYS A . n 
A 1 31 GLU 31 31 1687 GLU GLU A . n 
A 1 32 ASP 32 32 1688 ASP ASP A . n 
A 1 33 TYR 33 33 1689 TYR TYR A . n 
A 1 34 ASP 34 34 1690 ASP ASP A . n 
A 1 35 LEU 35 35 1691 LEU LEU A . n 
A 1 36 CYS 36 36 1692 CYS CYS A . n 
A 1 37 ILE 37 37 1693 ILE ILE A . n 
A 1 38 THR 38 38 1694 THR THR A . n 
A 1 39 CYS 39 39 1695 CYS CYS A . n 
A 1 40 TYR 40 40 1696 TYR TYR A . n 
A 1 41 ASN 41 41 1697 ASN ASN A . n 
A 1 42 THR 42 42 1698 THR THR A . n 
A 1 43 LYS 43 43 1699 LYS LYS A . n 
A 1 44 ASN 44 44 1700 ASN ASN A . n 
A 1 45 HIS 45 45 1701 HIS HIS A . n 
A 1 46 ASP 46 46 1702 ASP ASP A . n 
A 1 47 HIS 47 47 1703 HIS HIS A . n 
A 1 48 LYS 48 48 1704 LYS LYS A . n 
A 1 49 MET 49 49 1705 MET MET A . n 
A 1 50 GLU 50 50 1706 GLU GLU A . n 
A 1 51 LYS 51 51 1707 LYS LYS A . n 
A 1 52 LEU 52 52 1708 LEU LEU A . n 
A 1 53 GLY 53 53 1709 GLY GLY A . n 
A 1 54 LEU 54 54 ?    ?   ?   A . n 
A 1 55 GLY 55 55 ?    ?   ?   A . n 
A 1 56 LEU 56 56 ?    ?   ?   A . n 
A 1 57 ASP 57 57 ?    ?   ?   A . n 
# 
loop_
_pdbx_nonpoly_scheme.asym_id 
_pdbx_nonpoly_scheme.entity_id 
_pdbx_nonpoly_scheme.mon_id 
_pdbx_nonpoly_scheme.ndb_seq_num 
_pdbx_nonpoly_scheme.pdb_seq_num 
_pdbx_nonpoly_scheme.auth_seq_num 
_pdbx_nonpoly_scheme.pdb_mon_id 
_pdbx_nonpoly_scheme.auth_mon_id 
_pdbx_nonpoly_scheme.pdb_strand_id 
_pdbx_nonpoly_scheme.pdb_ins_code 
B 2 ZN  1  5001 5001 ZN  ZN  A . 
C 2 ZN  1  5002 5002 ZN  ZN  A . 
D 3 CL  1  5003 1    CL  CL  A . 
E 4 HOH 1  5101 45   HOH HOH A . 
E 4 HOH 2  5102 41   HOH HOH A . 
E 4 HOH 3  5103 47   HOH HOH A . 
E 4 HOH 4  5104 14   HOH HOH A . 
E 4 HOH 5  5105 10   HOH HOH A . 
E 4 HOH 6  5106 9    HOH HOH A . 
E 4 HOH 7  5107 17   HOH HOH A . 
E 4 HOH 8  5108 20   HOH HOH A . 
E 4 HOH 9  5109 40   HOH HOH A . 
E 4 HOH 10 5110 8    HOH HOH A . 
E 4 HOH 11 5111 25   HOH HOH A . 
E 4 HOH 12 5112 12   HOH HOH A . 
E 4 HOH 13 5113 55   HOH HOH A . 
E 4 HOH 14 5114 4    HOH HOH A . 
E 4 HOH 15 5115 3    HOH HOH A . 
E 4 HOH 16 5116 15   HOH HOH A . 
E 4 HOH 17 5117 51   HOH HOH A . 
E 4 HOH 18 5118 5    HOH HOH A . 
E 4 HOH 19 5119 7    HOH HOH A . 
E 4 HOH 20 5120 27   HOH HOH A . 
E 4 HOH 21 5121 48   HOH HOH A . 
E 4 HOH 22 5122 18   HOH HOH A . 
E 4 HOH 23 5123 54   HOH HOH A . 
E 4 HOH 24 5124 13   HOH HOH A . 
E 4 HOH 25 5125 11   HOH HOH A . 
E 4 HOH 26 5126 33   HOH HOH A . 
E 4 HOH 27 5127 23   HOH HOH A . 
E 4 HOH 28 5128 35   HOH HOH A . 
E 4 HOH 29 5129 39   HOH HOH A . 
E 4 HOH 30 5130 2    HOH HOH A . 
E 4 HOH 31 5131 46   HOH HOH A . 
E 4 HOH 32 5132 32   HOH HOH A . 
E 4 HOH 33 5133 26   HOH HOH A . 
E 4 HOH 34 5134 24   HOH HOH A . 
E 4 HOH 35 5135 53   HOH HOH A . 
E 4 HOH 36 5136 52   HOH HOH A . 
E 4 HOH 37 5137 34   HOH HOH A . 
E 4 HOH 38 5138 49   HOH HOH A . 
E 4 HOH 39 5139 22   HOH HOH A . 
E 4 HOH 40 5140 56   HOH HOH A . 
E 4 HOH 41 5141 1    HOH HOH A . 
E 4 HOH 42 5142 28   HOH HOH A . 
E 4 HOH 43 5143 6    HOH HOH A . 
E 4 HOH 44 5144 29   HOH HOH A . 
E 4 HOH 45 5145 57   HOH HOH A . 
E 4 HOH 46 5146 36   HOH HOH A . 
E 4 HOH 47 5147 37   HOH HOH A . 
E 4 HOH 48 5148 16   HOH HOH A . 
E 4 HOH 49 5149 43   HOH HOH A . 
E 4 HOH 50 5150 21   HOH HOH A . 
E 4 HOH 51 5151 31   HOH HOH A . 
E 4 HOH 52 5152 30   HOH HOH A . 
E 4 HOH 53 5153 19   HOH HOH A . 
E 4 HOH 54 5154 44   HOH HOH A . 
E 4 HOH 55 5155 38   HOH HOH A . 
E 4 HOH 56 5156 50   HOH HOH A . 
E 4 HOH 57 5157 42   HOH HOH A . 
# 
loop_
_software.citation_id 
_software.classification 
_software.compiler_name 
_software.compiler_version 
_software.contact_author 
_software.contact_author_email 
_software.date 
_software.description 
_software.dependencies 
_software.hardware 
_software.language 
_software.location 
_software.mods 
_software.name 
_software.os 
_software.os_version 
_software.type 
_software.version 
_software.pdbx_ordinal 
? refinement       ? ? ? ? ? ? ? ? ? ? ? PHENIX   ? ? ? . 1 
? 'data reduction' ? ? ? ? ? ? ? ? ? ? ? HKL-3000 ? ? ? . 2 
? 'data scaling'   ? ? ? ? ? ? ? ? ? ? ? HKL-3000 ? ? ? . 3 
? phasing          ? ? ? ? ? ? ? ? ? ? ? PHASER   ? ? ? . 4 
# 
_cell.angle_alpha                  90.00 
_cell.angle_alpha_esd              ? 
_cell.angle_beta                   90.00 
_cell.angle_beta_esd               ? 
_cell.angle_gamma                  90.00 
_cell.angle_gamma_esd              ? 
_cell.entry_id                     6DS6 
_cell.details                      ? 
_cell.formula_units_Z              ? 
_cell.length_a                     44.026 
_cell.length_a_esd                 ? 
_cell.length_b                     44.026 
_cell.length_b_esd                 ? 
_cell.length_c                     85.904 
_cell.length_c_esd                 ? 
_cell.volume                       ? 
_cell.volume_esd                   ? 
_cell.Z_PDB                        8 
_cell.reciprocal_angle_alpha       ? 
_cell.reciprocal_angle_beta        ? 
_cell.reciprocal_angle_gamma       ? 
_cell.reciprocal_angle_alpha_esd   ? 
_cell.reciprocal_angle_beta_esd    ? 
_cell.reciprocal_angle_gamma_esd   ? 
_cell.reciprocal_length_a          ? 
_cell.reciprocal_length_b          ? 
_cell.reciprocal_length_c          ? 
_cell.reciprocal_length_a_esd      ? 
_cell.reciprocal_length_b_esd      ? 
_cell.reciprocal_length_c_esd      ? 
_cell.pdbx_unique_axis             ? 
# 
_symmetry.entry_id                         6DS6 
_symmetry.cell_setting                     ? 
_symmetry.Int_Tables_number                96 
_symmetry.space_group_name_Hall            ? 
_symmetry.space_group_name_H-M             'P 43 21 2' 
_symmetry.pdbx_full_space_group_name_H-M   ? 
# 
_exptl.absorpt_coefficient_mu     ? 
_exptl.absorpt_correction_T_max   ? 
_exptl.absorpt_correction_T_min   ? 
_exptl.absorpt_correction_type    ? 
_exptl.absorpt_process_details    ? 
_exptl.entry_id                   6DS6 
_exptl.crystals_number            1 
_exptl.details                    ? 
_exptl.method                     'X-RAY DIFFRACTION' 
_exptl.method_details             ? 
# 
_exptl_crystal.colour                      ? 
_exptl_crystal.density_diffrn              ? 
_exptl_crystal.density_Matthews            3.03 
_exptl_crystal.density_method              ? 
_exptl_crystal.density_percent_sol         59.44 
_exptl_crystal.description                 ? 
_exptl_crystal.F_000                       ? 
_exptl_crystal.id                          1 
_exptl_crystal.preparation                 ? 
_exptl_crystal.size_max                    ? 
_exptl_crystal.size_mid                    ? 
_exptl_crystal.size_min                    ? 
_exptl_crystal.size_rad                    ? 
_exptl_crystal.colour_lustre               ? 
_exptl_crystal.colour_modifier             ? 
_exptl_crystal.colour_primary              ? 
_exptl_crystal.density_meas                ? 
_exptl_crystal.density_meas_esd            ? 
_exptl_crystal.density_meas_gt             ? 
_exptl_crystal.density_meas_lt             ? 
_exptl_crystal.density_meas_temp           ? 
_exptl_crystal.density_meas_temp_esd       ? 
_exptl_crystal.density_meas_temp_gt        ? 
_exptl_crystal.density_meas_temp_lt        ? 
_exptl_crystal.pdbx_crystal_image_url      ? 
_exptl_crystal.pdbx_crystal_image_format   ? 
_exptl_crystal.pdbx_mosaicity              ? 
_exptl_crystal.pdbx_mosaicity_esd          ? 
# 
_exptl_crystal_grow.apparatus       ? 
_exptl_crystal_grow.atmosphere      ? 
_exptl_crystal_grow.crystal_id      1 
_exptl_crystal_grow.details         ? 
_exptl_crystal_grow.method          'VAPOR DIFFUSION, SITTING DROP' 
_exptl_crystal_grow.method_ref      ? 
_exptl_crystal_grow.pH              ? 
_exptl_crystal_grow.pressure        ? 
_exptl_crystal_grow.pressure_esd    ? 
_exptl_crystal_grow.seeding         ? 
_exptl_crystal_grow.seeding_ref     ? 
_exptl_crystal_grow.temp            277 
_exptl_crystal_grow.temp_details    ? 
_exptl_crystal_grow.temp_esd        ? 
_exptl_crystal_grow.time            ? 
_exptl_crystal_grow.pdbx_details    '0.1 M HEPES and 70% MPD (pH 7.5)' 
_exptl_crystal_grow.pdbx_pH_range   ? 
# 
_diffrn.ambient_environment    ? 
_diffrn.ambient_temp           100 
_diffrn.ambient_temp_details   ? 
_diffrn.ambient_temp_esd       ? 
_diffrn.crystal_id             1 
_diffrn.crystal_support        ? 
_diffrn.crystal_treatment      ? 
_diffrn.details                ? 
_diffrn.id                     1 
_diffrn.ambient_pressure       ? 
_diffrn.ambient_pressure_esd   ? 
_diffrn.ambient_pressure_gt    ? 
_diffrn.ambient_pressure_lt    ? 
_diffrn.ambient_temp_gt        ? 
_diffrn.ambient_temp_lt        ? 
# 
_diffrn_detector.details                      ? 
_diffrn_detector.detector                     CMOS 
_diffrn_detector.diffrn_id                    1 
_diffrn_detector.type                         'RDI CMOS_8M' 
_diffrn_detector.area_resol_mean              ? 
_diffrn_detector.dtime                        ? 
_diffrn_detector.pdbx_frames_total            ? 
_diffrn_detector.pdbx_collection_time_total   ? 
_diffrn_detector.pdbx_collection_date         2017-04-22 
# 
_diffrn_radiation.collimation                      ? 
_diffrn_radiation.diffrn_id                        1 
_diffrn_radiation.filter_edge                      ? 
_diffrn_radiation.inhomogeneity                    ? 
_diffrn_radiation.monochromator                    ? 
_diffrn_radiation.polarisn_norm                    ? 
_diffrn_radiation.polarisn_ratio                   ? 
_diffrn_radiation.probe                            ? 
_diffrn_radiation.type                             ? 
_diffrn_radiation.xray_symbol                      ? 
_diffrn_radiation.wavelength_id                    1 
_diffrn_radiation.pdbx_monochromatic_or_laue_m_l   M 
_diffrn_radiation.pdbx_wavelength_list             ? 
_diffrn_radiation.pdbx_wavelength                  ? 
_diffrn_radiation.pdbx_diffrn_protocol             'SINGLE WAVELENGTH' 
_diffrn_radiation.pdbx_analyzer                    ? 
_diffrn_radiation.pdbx_scattering_type             x-ray 
# 
_diffrn_radiation_wavelength.id           1 
_diffrn_radiation_wavelength.wavelength   1.278 
_diffrn_radiation_wavelength.wt           1.0 
# 
_diffrn_source.current                     ? 
_diffrn_source.details                     ? 
_diffrn_source.diffrn_id                   1 
_diffrn_source.power                       ? 
_diffrn_source.size                        ? 
_diffrn_source.source                      SYNCHROTRON 
_diffrn_source.target                      ? 
_diffrn_source.type                        'ALS BEAMLINE 4.2.2' 
_diffrn_source.voltage                     ? 
_diffrn_source.take-off_angle              ? 
_diffrn_source.pdbx_wavelength_list        1.278 
_diffrn_source.pdbx_wavelength             ? 
_diffrn_source.pdbx_synchrotron_beamline   4.2.2 
_diffrn_source.pdbx_synchrotron_site       ALS 
# 
_reflns.B_iso_Wilson_estimate            ? 
_reflns.entry_id                         6DS6 
_reflns.data_reduction_details           ? 
_reflns.data_reduction_method            ? 
_reflns.d_resolution_high                1.95 
_reflns.d_resolution_low                 39.18 
_reflns.details                          ? 
_reflns.limit_h_max                      ? 
_reflns.limit_h_min                      ? 
_reflns.limit_k_max                      ? 
_reflns.limit_k_min                      ? 
_reflns.limit_l_max                      ? 
_reflns.limit_l_min                      ? 
_reflns.number_all                       ? 
_reflns.number_obs                       6576 
_reflns.observed_criterion               ? 
_reflns.observed_criterion_F_max         ? 
_reflns.observed_criterion_F_min         ? 
_reflns.observed_criterion_I_max         ? 
_reflns.observed_criterion_I_min         ? 
_reflns.observed_criterion_sigma_F       ? 
_reflns.observed_criterion_sigma_I       ? 
_reflns.percent_possible_obs             99.2 
_reflns.R_free_details                   ? 
_reflns.Rmerge_F_all                     ? 
_reflns.Rmerge_F_obs                     ? 
_reflns.Friedel_coverage                 ? 
_reflns.number_gt                        ? 
_reflns.threshold_expression             ? 
_reflns.pdbx_redundancy                  22.3 
_reflns.pdbx_Rmerge_I_obs                0.077 
_reflns.pdbx_Rmerge_I_all                ? 
_reflns.pdbx_Rsym_value                  ? 
_reflns.pdbx_netI_over_av_sigmaI         ? 
_reflns.pdbx_netI_over_sigmaI            71.4 
_reflns.pdbx_res_netI_over_av_sigmaI_2   ? 
_reflns.pdbx_res_netI_over_sigmaI_2      ? 
_reflns.pdbx_chi_squared                 ? 
_reflns.pdbx_scaling_rejects             ? 
_reflns.pdbx_d_res_high_opt              ? 
_reflns.pdbx_d_res_low_opt               ? 
_reflns.pdbx_d_res_opt_method            ? 
_reflns.phase_calculation_details        ? 
_reflns.pdbx_Rrim_I_all                  ? 
_reflns.pdbx_Rpim_I_all                  ? 
_reflns.pdbx_d_opt                       ? 
_reflns.pdbx_number_measured_all         ? 
_reflns.pdbx_diffrn_id                   1 
_reflns.pdbx_ordinal                     1 
_reflns.pdbx_CC_half                     ? 
_reflns.pdbx_R_split                     ? 
# 
_reflns_shell.d_res_high                  1.95 
_reflns_shell.d_res_low                   1.98 
_reflns_shell.meanI_over_sigI_all         ? 
_reflns_shell.meanI_over_sigI_obs         ? 
_reflns_shell.number_measured_all         ? 
_reflns_shell.number_measured_obs         ? 
_reflns_shell.number_possible             ? 
_reflns_shell.number_unique_all           ? 
_reflns_shell.number_unique_obs           292 
_reflns_shell.percent_possible_all        ? 
_reflns_shell.percent_possible_obs        ? 
_reflns_shell.Rmerge_F_all                ? 
_reflns_shell.Rmerge_F_obs                ? 
_reflns_shell.Rmerge_I_all                ? 
_reflns_shell.Rmerge_I_obs                0.296 
_reflns_shell.meanI_over_sigI_gt          ? 
_reflns_shell.meanI_over_uI_all           ? 
_reflns_shell.meanI_over_uI_gt            ? 
_reflns_shell.number_measured_gt          ? 
_reflns_shell.number_unique_gt            ? 
_reflns_shell.percent_possible_gt         ? 
_reflns_shell.Rmerge_F_gt                 ? 
_reflns_shell.Rmerge_I_gt                 ? 
_reflns_shell.pdbx_redundancy             ? 
_reflns_shell.pdbx_Rsym_value             ? 
_reflns_shell.pdbx_chi_squared            ? 
_reflns_shell.pdbx_netI_over_sigmaI_all   ? 
_reflns_shell.pdbx_netI_over_sigmaI_obs   ? 
_reflns_shell.pdbx_Rrim_I_all             ? 
_reflns_shell.pdbx_Rpim_I_all             ? 
_reflns_shell.pdbx_rejects                ? 
_reflns_shell.pdbx_ordinal                1 
_reflns_shell.pdbx_diffrn_id              1 
_reflns_shell.pdbx_CC_half                ? 
_reflns_shell.pdbx_R_split                ? 
# 
_refine.entry_id                                 6DS6 
_refine.pdbx_refine_id                           'X-RAY DIFFRACTION' 
_refine.pdbx_diffrn_id                           1 
_refine.pdbx_TLS_residual_ADP_flag               ? 
_refine.ls_number_reflns_obs                     5756 
_refine.ls_number_reflns_all                     ? 
_refine.pdbx_ls_sigma_I                          ? 
_refine.pdbx_ls_sigma_F                          1.4 
_refine.pdbx_data_cutoff_high_absF               ? 
_refine.pdbx_data_cutoff_low_absF                ? 
_refine.pdbx_data_cutoff_high_rms_absF           ? 
_refine.ls_d_res_low                             21.32 
_refine.ls_d_res_high                            1.95 
_refine.ls_percent_reflns_obs                    98.7 
_refine.ls_R_factor_obs                          0.2117 
_refine.ls_R_factor_all                          ? 
_refine.ls_R_factor_R_work                       0.207 
_refine.ls_R_factor_R_free                       0.2532 
_refine.ls_R_factor_R_free_error                 ? 
_refine.ls_R_factor_R_free_error_details         ? 
_refine.ls_percent_reflns_R_free                 10.08 
_refine.ls_number_reflns_R_free                  646 
_refine.ls_number_parameters                     ? 
_refine.ls_number_restraints                     ? 
_refine.occupancy_min                            ? 
_refine.occupancy_max                            ? 
_refine.correlation_coeff_Fo_to_Fc               ? 
_refine.correlation_coeff_Fo_to_Fc_free          ? 
_refine.B_iso_mean                               ? 
_refine.aniso_B[1][1]                            ? 
_refine.aniso_B[2][2]                            ? 
_refine.aniso_B[3][3]                            ? 
_refine.aniso_B[1][2]                            ? 
_refine.aniso_B[1][3]                            ? 
_refine.aniso_B[2][3]                            ? 
_refine.solvent_model_details                    'FLAT BULK SOLVENT MODEL' 
_refine.solvent_model_param_ksol                 ? 
_refine.solvent_model_param_bsol                 ? 
_refine.pdbx_solvent_vdw_probe_radii             1.11 
_refine.pdbx_solvent_ion_probe_radii             ? 
_refine.pdbx_solvent_shrinkage_radii             0.90 
_refine.pdbx_ls_cross_valid_method               ? 
_refine.details                                  ? 
_refine.pdbx_starting_model                      ? 
_refine.pdbx_method_to_determine_struct          SAD 
_refine.pdbx_isotropic_thermal_model             ? 
_refine.pdbx_stereochemistry_target_values       ML 
_refine.pdbx_stereochem_target_val_spec_case     ? 
_refine.pdbx_R_Free_selection_details            ? 
_refine.pdbx_overall_ESU_R                       ? 
_refine.pdbx_overall_ESU_R_Free                  ? 
_refine.overall_SU_ML                            0.18 
_refine.pdbx_overall_phase_error                 29.93 
_refine.overall_SU_B                             ? 
_refine.overall_SU_R_Cruickshank_DPI             ? 
_refine.pdbx_overall_SU_R_free_Cruickshank_DPI   ? 
_refine.pdbx_overall_SU_R_Blow_DPI               ? 
_refine.pdbx_overall_SU_R_free_Blow_DPI          ? 
# 
_refine_hist.pdbx_refine_id                   'X-RAY DIFFRACTION' 
_refine_hist.cycle_id                         LAST 
_refine_hist.pdbx_number_atoms_protein        446 
_refine_hist.pdbx_number_atoms_nucleic_acid   0 
_refine_hist.pdbx_number_atoms_ligand         3 
_refine_hist.number_atoms_solvent             57 
_refine_hist.number_atoms_total               506 
_refine_hist.d_res_high                       1.95 
_refine_hist.d_res_low                        21.32 
# 
loop_
_refine_ls_restr.type 
_refine_ls_restr.dev_ideal 
_refine_ls_restr.dev_ideal_target 
_refine_ls_restr.weight 
_refine_ls_restr.number 
_refine_ls_restr.pdbx_refine_id 
_refine_ls_restr.pdbx_restraint_function 
f_bond_d           0.007 ? ? 478 'X-RAY DIFFRACTION' ? 
f_angle_d          0.922 ? ? 647 'X-RAY DIFFRACTION' ? 
f_dihedral_angle_d 3.112 ? ? 388 'X-RAY DIFFRACTION' ? 
f_chiral_restr     0.051 ? ? 67  'X-RAY DIFFRACTION' ? 
f_plane_restr      0.004 ? ? 84  'X-RAY DIFFRACTION' ? 
# 
loop_
_refine_ls_shell.pdbx_refine_id 
_refine_ls_shell.pdbx_total_number_of_bins_used 
_refine_ls_shell.d_res_high 
_refine_ls_shell.d_res_low 
_refine_ls_shell.number_reflns_R_work 
_refine_ls_shell.R_factor_R_work 
_refine_ls_shell.percent_reflns_obs 
_refine_ls_shell.R_factor_R_free 
_refine_ls_shell.R_factor_R_free_error 
_refine_ls_shell.percent_reflns_R_free 
_refine_ls_shell.number_reflns_R_free 
_refine_ls_shell.number_reflns_all 
_refine_ls_shell.R_factor_all 
_refine_ls_shell.R_factor_obs 
_refine_ls_shell.number_reflns_obs 
'X-RAY DIFFRACTION' . 1.9537 2.0425 1208 0.2799 92.00  0.3474 . . 132 . . . 1208 
'X-RAY DIFFRACTION' . 2.0425 2.1501 1314 0.2508 99.00  0.2463 . . 149 . . . .    
'X-RAY DIFFRACTION' . 2.1501 2.2847 1310 0.2373 100.00 0.3293 . . 146 . . . .    
'X-RAY DIFFRACTION' . 2.2847 2.4608 1315 0.2238 100.00 0.2783 . . 148 . . . .    
'X-RAY DIFFRACTION' . 2.4608 2.7080 1292 0.2361 100.00 0.2921 . . 146 . . . .    
'X-RAY DIFFRACTION' . 2.7080 3.0989 1314 0.2311 100.00 0.2845 . . 150 . . . .    
'X-RAY DIFFRACTION' . 3.0989 3.9003 1306 0.1892 100.00 0.2562 . . 147 . . . .    
'X-RAY DIFFRACTION' . 3.9003 21.325 1312 0.1850 99.00  0.2086 . . 144 . . . .    
# 
_struct.entry_id                     6DS6 
_struct.title                        'Crystal structure of p300 ZZ domain in complex with histone H3 peptide' 
_struct.pdbx_model_details           ? 
_struct.pdbx_formula_weight          ? 
_struct.pdbx_formula_weight_method   ? 
_struct.pdbx_model_type_details      ? 
_struct.pdbx_CASP_flag               N 
# 
_struct_keywords.entry_id        6DS6 
_struct_keywords.text            'p300, ZZ domain, histone, chromatin, GENE REGULATION, Transferase' 
_struct_keywords.pdbx_keywords   'GENE REGULATION, Transferase' 
# 
loop_
_struct_asym.id 
_struct_asym.pdbx_blank_PDB_chainid_flag 
_struct_asym.pdbx_modified 
_struct_asym.entity_id 
_struct_asym.details 
A N N 1 ? 
B N N 2 ? 
C N N 2 ? 
D N N 3 ? 
E N N 4 ? 
# 
loop_
_struct_ref.id 
_struct_ref.db_name 
_struct_ref.db_code 
_struct_ref.pdbx_db_accession 
_struct_ref.pdbx_db_isoform 
_struct_ref.entity_id 
_struct_ref.pdbx_seq_one_letter_code 
_struct_ref.pdbx_align_begin 
1 PDB 6DS6        6DS6   ? 1 ?                                                   1    
2 UNP EP300_HUMAN Q09472 ? 1 QDRFVYTCNECKHHVETRWHCTVCEDYDLCITCYNTKNHDHKMEKLGLGLD 1663 
# 
loop_
_struct_ref_seq.align_id 
_struct_ref_seq.ref_id 
_struct_ref_seq.pdbx_PDB_id_code 
_struct_ref_seq.pdbx_strand_id 
_struct_ref_seq.seq_align_beg 
_struct_ref_seq.pdbx_seq_align_beg_ins_code 
_struct_ref_seq.seq_align_end 
_struct_ref_seq.pdbx_seq_align_end_ins_code 
_struct_ref_seq.pdbx_db_accession 
_struct_ref_seq.db_align_beg 
_struct_ref_seq.pdbx_db_align_beg_ins_code 
_struct_ref_seq.db_align_end 
_struct_ref_seq.pdbx_db_align_end_ins_code 
_struct_ref_seq.pdbx_auth_seq_align_beg 
_struct_ref_seq.pdbx_auth_seq_align_end 
1 1 6DS6 A 1 ? 6  ? 6DS6   1    ? 6    ? 1 6  
2 2 6DS6 A 7 ? 57 ? Q09472 1663 ? 1713 ? 7 57 
# 
_pdbx_struct_assembly.id                   1 
_pdbx_struct_assembly.details              author_and_software_defined_assembly 
_pdbx_struct_assembly.method_details       PISA 
_pdbx_struct_assembly.oligomeric_details   dimeric 
_pdbx_struct_assembly.oligomeric_count     2 
# 
loop_
_pdbx_struct_assembly_prop.biol_id 
_pdbx_struct_assembly_prop.type 
_pdbx_struct_assembly_prop.value 
_pdbx_struct_assembly_prop.details 
1 'ABSA (A^2)' 2340 ? 
1 MORE         -18  ? 
1 'SSA (A^2)'  7360 ? 
# 
_pdbx_struct_assembly_gen.assembly_id       1 
_pdbx_struct_assembly_gen.oper_expression   1,2 
_pdbx_struct_assembly_gen.asym_id_list      A,B,C,D,E 
# 
_pdbx_struct_assembly_auth_evidence.id                     1 
_pdbx_struct_assembly_auth_evidence.assembly_id            1 
_pdbx_struct_assembly_auth_evidence.experimental_support   'gel filtration' 
_pdbx_struct_assembly_auth_evidence.details                'H3-ZZ bound conformation was confirmed by NMR.' 
# 
loop_
_pdbx_struct_oper_list.id 
_pdbx_struct_oper_list.type 
_pdbx_struct_oper_list.name 
_pdbx_struct_oper_list.symmetry_operation 
_pdbx_struct_oper_list.matrix[1][1] 
_pdbx_struct_oper_list.matrix[1][2] 
_pdbx_struct_oper_list.matrix[1][3] 
_pdbx_struct_oper_list.vector[1] 
_pdbx_struct_oper_list.matrix[2][1] 
_pdbx_struct_oper_list.matrix[2][2] 
_pdbx_struct_oper_list.matrix[2][3] 
_pdbx_struct_oper_list.vector[2] 
_pdbx_struct_oper_list.matrix[3][1] 
_pdbx_struct_oper_list.matrix[3][2] 
_pdbx_struct_oper_list.matrix[3][3] 
_pdbx_struct_oper_list.vector[3] 
1 'identity operation'         1_555 x,y,z        1.0000000000  0.0000000000  0.0000000000 0.0000000000   0.0000000000  1.0000000000  0.0000000000  0.0000000000  0.0000000000 0.0000000000  1.0000000000 0.0000000000  
2 'crystal symmetry operation' 8_555 -y,-x,-z+1/2 -0.7667923988 -0.1023267557 0.6336865568 -31.3534060312 -0.1023267557 -0.9551010992 -0.2780487822 -7.4152856988 0.6336865568 -0.2780487822 0.7218934980 10.3411858937 
# 
_struct_conf.conf_type_id            HELX_P 
_struct_conf.id                      HELX_P1 
_struct_conf.pdbx_PDB_helix_id       AA1 
_struct_conf.beg_label_comp_id       CYS 
_struct_conf.beg_label_asym_id       A 
_struct_conf.beg_label_seq_id        36 
_struct_conf.pdbx_beg_PDB_ins_code   ? 
_struct_conf.end_label_comp_id       ASN 
_struct_conf.end_label_asym_id       A 
_struct_conf.end_label_seq_id        41 
_struct_conf.pdbx_end_PDB_ins_code   ? 
_struct_conf.beg_auth_comp_id        CYS 
_struct_conf.beg_auth_asym_id        A 
_struct_conf.beg_auth_seq_id         36 
_struct_conf.end_auth_comp_id        ASN 
_struct_conf.end_auth_asym_id        A 
_struct_conf.end_auth_seq_id         41 
_struct_conf.pdbx_PDB_helix_class    1 
_struct_conf.details                 ? 
_struct_conf.pdbx_PDB_helix_length   6 
# 
_struct_conf_type.id          HELX_P 
_struct_conf_type.criteria    ? 
_struct_conf_type.reference   ? 
# 
loop_
_struct_conn.id 
_struct_conn.conn_type_id 
_struct_conn.pdbx_leaving_atom_flag 
_struct_conn.pdbx_PDB_id 
_struct_conn.ptnr1_label_asym_id 
_struct_conn.ptnr1_label_comp_id 
_struct_conn.ptnr1_label_seq_id 
_struct_conn.ptnr1_label_atom_id 
_struct_conn.pdbx_ptnr1_label_alt_id 
_struct_conn.pdbx_ptnr1_PDB_ins_code 
_struct_conn.pdbx_ptnr1_standard_comp_id 
_struct_conn.ptnr1_symmetry 
_struct_conn.ptnr2_label_asym_id 
_struct_conn.ptnr2_label_comp_id 
_struct_conn.ptnr2_label_seq_id 
_struct_conn.ptnr2_label_atom_id 
_struct_conn.pdbx_ptnr2_label_alt_id 
_struct_conn.pdbx_ptnr2_PDB_ins_code 
_struct_conn.ptnr1_auth_asym_id 
_struct_conn.ptnr1_auth_comp_id 
_struct_conn.ptnr1_auth_seq_id 
_struct_conn.ptnr2_auth_asym_id 
_struct_conn.ptnr2_auth_comp_id 
_struct_conn.ptnr2_auth_seq_id 
_struct_conn.ptnr2_symmetry 
_struct_conn.pdbx_ptnr3_label_atom_id 
_struct_conn.pdbx_ptnr3_label_seq_id 
_struct_conn.pdbx_ptnr3_label_comp_id 
_struct_conn.pdbx_ptnr3_label_asym_id 
_struct_conn.pdbx_ptnr3_label_alt_id 
_struct_conn.pdbx_ptnr3_PDB_ins_code 
_struct_conn.details 
_struct_conn.pdbx_dist_value 
_struct_conn.pdbx_value_order 
_struct_conn.pdbx_role 
metalc1 metalc ? ? A CYS 14 SG  ? ? ? 1_555 B ZN . ZN ? ? A CYS 14 A ZN 5001 1_555 ? ? ? ? ? ? ? 2.489 ? ? 
metalc2 metalc ? ? A CYS 17 SG  ? ? ? 1_555 B ZN . ZN ? ? A CYS 17 A ZN 5001 1_555 ? ? ? ? ? ? ? 2.332 ? ? 
metalc3 metalc ? ? A CYS 27 SG  ? ? ? 1_555 C ZN . ZN ? ? A CYS 27 A ZN 5002 1_555 ? ? ? ? ? ? ? 2.265 ? ? 
metalc4 metalc ? ? A CYS 30 SG  ? ? ? 1_555 C ZN . ZN ? ? A CYS 30 A ZN 5002 1_555 ? ? ? ? ? ? ? 2.309 ? ? 
metalc5 metalc ? ? A CYS 36 SG  ? ? ? 1_555 B ZN . ZN ? ? A CYS 36 A ZN 5001 1_555 ? ? ? ? ? ? ? 2.082 ? ? 
metalc6 metalc ? ? A CYS 39 SG  ? ? ? 1_555 B ZN . ZN ? ? A CYS 39 A ZN 5001 1_555 ? ? ? ? ? ? ? 2.427 ? ? 
metalc7 metalc ? ? A HIS 45 NE2 ? ? ? 1_555 C ZN . ZN ? ? A HIS 45 A ZN 5002 1_555 ? ? ? ? ? ? ? 1.929 ? ? 
metalc8 metalc ? ? A HIS 47 ND1 ? ? ? 1_555 C ZN . ZN ? ? A HIS 47 A ZN 5002 1_555 ? ? ? ? ? ? ? 2.278 ? ? 
# 
_struct_conn_type.id          metalc 
_struct_conn_type.criteria    ? 
_struct_conn_type.reference   ? 
# 
loop_
_pdbx_struct_conn_angle.id 
_pdbx_struct_conn_angle.ptnr1_label_atom_id 
_pdbx_struct_conn_angle.ptnr1_label_alt_id 
_pdbx_struct_conn_angle.ptnr1_label_asym_id 
_pdbx_struct_conn_angle.ptnr1_label_comp_id 
_pdbx_struct_conn_angle.ptnr1_label_seq_id 
_pdbx_struct_conn_angle.ptnr1_auth_atom_id 
_pdbx_struct_conn_angle.ptnr1_auth_asym_id 
_pdbx_struct_conn_angle.ptnr1_auth_comp_id 
_pdbx_struct_conn_angle.ptnr1_auth_seq_id 
_pdbx_struct_conn_angle.ptnr1_PDB_ins_code 
_pdbx_struct_conn_angle.ptnr1_symmetry 
_pdbx_struct_conn_angle.ptnr2_label_atom_id 
_pdbx_struct_conn_angle.ptnr2_label_alt_id 
_pdbx_struct_conn_angle.ptnr2_label_asym_id 
_pdbx_struct_conn_angle.ptnr2_label_comp_id 
_pdbx_struct_conn_angle.ptnr2_label_seq_id 
_pdbx_struct_conn_angle.ptnr2_auth_atom_id 
_pdbx_struct_conn_angle.ptnr2_auth_asym_id 
_pdbx_struct_conn_angle.ptnr2_auth_comp_id 
_pdbx_struct_conn_angle.ptnr2_auth_seq_id 
_pdbx_struct_conn_angle.ptnr2_PDB_ins_code 
_pdbx_struct_conn_angle.ptnr2_symmetry 
_pdbx_struct_conn_angle.ptnr3_label_atom_id 
_pdbx_struct_conn_angle.ptnr3_label_alt_id 
_pdbx_struct_conn_angle.ptnr3_label_asym_id 
_pdbx_struct_conn_angle.ptnr3_label_comp_id 
_pdbx_struct_conn_angle.ptnr3_label_seq_id 
_pdbx_struct_conn_angle.ptnr3_auth_atom_id 
_pdbx_struct_conn_angle.ptnr3_auth_asym_id 
_pdbx_struct_conn_angle.ptnr3_auth_comp_id 
_pdbx_struct_conn_angle.ptnr3_auth_seq_id 
_pdbx_struct_conn_angle.ptnr3_PDB_ins_code 
_pdbx_struct_conn_angle.ptnr3_symmetry 
_pdbx_struct_conn_angle.value 
_pdbx_struct_conn_angle.value_esd 
1  SG  ? A CYS 14 ? A CYS 14 ? 1_555 ZN ? B ZN . ? A ZN 5001 ? 1_555 SG  ? A CYS 17 ? A CYS 17 ? 1_555 107.2 ? 
2  SG  ? A CYS 14 ? A CYS 14 ? 1_555 ZN ? B ZN . ? A ZN 5001 ? 1_555 SG  ? A CYS 36 ? A CYS 36 ? 1_555 123.5 ? 
3  SG  ? A CYS 17 ? A CYS 17 ? 1_555 ZN ? B ZN . ? A ZN 5001 ? 1_555 SG  ? A CYS 36 ? A CYS 36 ? 1_555 108.3 ? 
4  SG  ? A CYS 14 ? A CYS 14 ? 1_555 ZN ? B ZN . ? A ZN 5001 ? 1_555 SG  ? A CYS 39 ? A CYS 39 ? 1_555 103.7 ? 
5  SG  ? A CYS 17 ? A CYS 17 ? 1_555 ZN ? B ZN . ? A ZN 5001 ? 1_555 SG  ? A CYS 39 ? A CYS 39 ? 1_555 110.5 ? 
6  SG  ? A CYS 36 ? A CYS 36 ? 1_555 ZN ? B ZN . ? A ZN 5001 ? 1_555 SG  ? A CYS 39 ? A CYS 39 ? 1_555 103.2 ? 
7  SG  ? A CYS 27 ? A CYS 27 ? 1_555 ZN ? C ZN . ? A ZN 5002 ? 1_555 SG  ? A CYS 30 ? A CYS 30 ? 1_555 118.7 ? 
8  SG  ? A CYS 27 ? A CYS 27 ? 1_555 ZN ? C ZN . ? A ZN 5002 ? 1_555 NE2 ? A HIS 45 ? A HIS 45 ? 1_555 121.4 ? 
9  SG  ? A CYS 30 ? A CYS 30 ? 1_555 ZN ? C ZN . ? A ZN 5002 ? 1_555 NE2 ? A HIS 45 ? A HIS 45 ? 1_555 104.5 ? 
10 SG  ? A CYS 27 ? A CYS 27 ? 1_555 ZN ? C ZN . ? A ZN 5002 ? 1_555 ND1 ? A HIS 47 ? A HIS 47 ? 1_555 101.5 ? 
11 SG  ? A CYS 30 ? A CYS 30 ? 1_555 ZN ? C ZN . ? A ZN 5002 ? 1_555 ND1 ? A HIS 47 ? A HIS 47 ? 1_555 106.2 ? 
12 NE2 ? A HIS 45 ? A HIS 45 ? 1_555 ZN ? C ZN . ? A ZN 5002 ? 1_555 ND1 ? A HIS 47 ? A HIS 47 ? 1_555 102.2 ? 
# 
loop_
_struct_sheet.id 
_struct_sheet.type 
_struct_sheet.number_strands 
_struct_sheet.details 
AA1 ? 2 ? 
AA2 ? 3 ? 
# 
loop_
_struct_sheet_order.sheet_id 
_struct_sheet_order.range_id_1 
_struct_sheet_order.range_id_2 
_struct_sheet_order.offset 
_struct_sheet_order.sense 
AA1 1 2 ? anti-parallel 
AA2 1 2 ? anti-parallel 
AA2 2 3 ? anti-parallel 
# 
loop_
_struct_sheet_range.sheet_id 
_struct_sheet_range.id 
_struct_sheet_range.beg_label_comp_id 
_struct_sheet_range.beg_label_asym_id 
_struct_sheet_range.beg_label_seq_id 
_struct_sheet_range.pdbx_beg_PDB_ins_code 
_struct_sheet_range.end_label_comp_id 
_struct_sheet_range.end_label_asym_id 
_struct_sheet_range.end_label_seq_id 
_struct_sheet_range.pdbx_end_PDB_ins_code 
_struct_sheet_range.beg_auth_comp_id 
_struct_sheet_range.beg_auth_asym_id 
_struct_sheet_range.beg_auth_seq_id 
_struct_sheet_range.end_auth_comp_id 
_struct_sheet_range.end_auth_asym_id 
_struct_sheet_range.end_auth_seq_id 
AA1 1 TYR A 12 ? THR A 13 ? TYR A 12 THR A 13 
AA1 2 HIS A 20 ? VAL A 21 ? HIS A 20 VAL A 21 
AA2 1 ASP A 34 ? LEU A 35 ? ASP A 34 LEU A 35 
AA2 2 ARG A 24 ? CYS A 27 ? ARG A 24 CYS A 27 
AA2 3 MET A 49 ? LEU A 52 ? MET A 49 LEU A 52 
# 
loop_
_pdbx_struct_sheet_hbond.sheet_id 
_pdbx_struct_sheet_hbond.range_id_1 
_pdbx_struct_sheet_hbond.range_id_2 
_pdbx_struct_sheet_hbond.range_1_label_atom_id 
_pdbx_struct_sheet_hbond.range_1_label_comp_id 
_pdbx_struct_sheet_hbond.range_1_label_asym_id 
_pdbx_struct_sheet_hbond.range_1_label_seq_id 
_pdbx_struct_sheet_hbond.range_1_PDB_ins_code 
_pdbx_struct_sheet_hbond.range_1_auth_atom_id 
_pdbx_struct_sheet_hbond.range_1_auth_comp_id 
_pdbx_struct_sheet_hbond.range_1_auth_asym_id 
_pdbx_struct_sheet_hbond.range_1_auth_seq_id 
_pdbx_struct_sheet_hbond.range_2_label_atom_id 
_pdbx_struct_sheet_hbond.range_2_label_comp_id 
_pdbx_struct_sheet_hbond.range_2_label_asym_id 
_pdbx_struct_sheet_hbond.range_2_label_seq_id 
_pdbx_struct_sheet_hbond.range_2_PDB_ins_code 
_pdbx_struct_sheet_hbond.range_2_auth_atom_id 
_pdbx_struct_sheet_hbond.range_2_auth_comp_id 
_pdbx_struct_sheet_hbond.range_2_auth_asym_id 
_pdbx_struct_sheet_hbond.range_2_auth_seq_id 
AA1 1 2 N TYR A 12 ? N TYR A 12 O VAL A 21 ? O VAL A 21 
AA2 1 2 O LEU A 35 ? O LEU A 35 N TRP A 25 ? N TRP A 25 
AA2 2 3 N HIS A 26 ? N HIS A 26 O GLU A 50 ? O GLU A 50 
# 
loop_
_struct_site.id 
_struct_site.pdbx_evidence_code 
_struct_site.pdbx_auth_asym_id 
_struct_site.pdbx_auth_comp_id 
_struct_site.pdbx_auth_seq_id 
_struct_site.pdbx_auth_ins_code 
_struct_site.pdbx_num_residues 
_struct_site.details 
AC1 Software A ZN 5001 ? 4 'binding site for residue ZN A 5001' 
AC2 Software A ZN 5002 ? 4 'binding site for residue ZN A 5002' 
AC3 Software A CL 5003 ? 4 'binding site for residue CL A 5003' 
# 
loop_
_struct_site_gen.id 
_struct_site_gen.site_id 
_struct_site_gen.pdbx_num_res 
_struct_site_gen.label_comp_id 
_struct_site_gen.label_asym_id 
_struct_site_gen.label_seq_id 
_struct_site_gen.pdbx_auth_ins_code 
_struct_site_gen.auth_comp_id 
_struct_site_gen.auth_asym_id 
_struct_site_gen.auth_seq_id 
_struct_site_gen.label_atom_id 
_struct_site_gen.label_alt_id 
_struct_site_gen.symmetry 
_struct_site_gen.details 
1  AC1 4 CYS A 14 ? CYS A 14   . ? 1_555 ? 
2  AC1 4 CYS A 17 ? CYS A 17   . ? 1_555 ? 
3  AC1 4 CYS A 36 ? CYS A 36   . ? 1_555 ? 
4  AC1 4 CYS A 39 ? CYS A 39   . ? 1_555 ? 
5  AC2 4 CYS A 27 ? CYS A 27   . ? 1_555 ? 
6  AC2 4 CYS A 30 ? CYS A 30   . ? 1_555 ? 
7  AC2 4 HIS A 45 ? HIS A 45   . ? 1_555 ? 
8  AC2 4 HIS A 47 ? HIS A 47   . ? 1_555 ? 
9  AC3 4 TRP A 25 ? TRP A 25   . ? 1_555 ? 
10 AC3 4 ILE A 37 ? ILE A 37   . ? 1_555 ? 
11 AC3 4 LYS A 51 ? LYS A 51   . ? 1_555 ? 
12 AC3 4 HOH E .  ? HOH A 5141 . ? 1_555 ? 
# 
loop_
_pdbx_validate_close_contact.id 
_pdbx_validate_close_contact.PDB_model_num 
_pdbx_validate_close_contact.auth_atom_id_1 
_pdbx_validate_close_contact.auth_asym_id_1 
_pdbx_validate_close_contact.auth_comp_id_1 
_pdbx_validate_close_contact.auth_seq_id_1 
_pdbx_validate_close_contact.PDB_ins_code_1 
_pdbx_validate_close_contact.label_alt_id_1 
_pdbx_validate_close_contact.auth_atom_id_2 
_pdbx_validate_close_contact.auth_asym_id_2 
_pdbx_validate_close_contact.auth_comp_id_2 
_pdbx_validate_close_contact.auth_seq_id_2 
_pdbx_validate_close_contact.PDB_ins_code_2 
_pdbx_validate_close_contact.label_alt_id_2 
_pdbx_validate_close_contact.dist 
1 1 O A ASN 44   ? ? O A HOH 5101 ? ? 2.06 
2 1 O A HOH 5139 ? ? O A HOH 5150 ? ? 2.13 
3 1 O A HOH 5132 ? ? O A HOH 5144 ? ? 2.17 
4 1 O A HOH 5145 ? ? O A HOH 5146 ? ? 2.18 
# 
_pdbx_validate_symm_contact.id                1 
_pdbx_validate_symm_contact.PDB_model_num     1 
_pdbx_validate_symm_contact.auth_atom_id_1    O 
_pdbx_validate_symm_contact.auth_asym_id_1    A 
_pdbx_validate_symm_contact.auth_comp_id_1    HOH 
_pdbx_validate_symm_contact.auth_seq_id_1     5141 
_pdbx_validate_symm_contact.PDB_ins_code_1    ? 
_pdbx_validate_symm_contact.label_alt_id_1    ? 
_pdbx_validate_symm_contact.site_symmetry_1   1_555 
_pdbx_validate_symm_contact.auth_atom_id_2    O 
_pdbx_validate_symm_contact.auth_asym_id_2    A 
_pdbx_validate_symm_contact.auth_comp_id_2    HOH 
_pdbx_validate_symm_contact.auth_seq_id_2     5141 
_pdbx_validate_symm_contact.PDB_ins_code_2    ? 
_pdbx_validate_symm_contact.label_alt_id_2    ? 
_pdbx_validate_symm_contact.site_symmetry_2   7_555 
_pdbx_validate_symm_contact.dist              2.04 
# 
loop_
_pdbx_validate_torsion.id 
_pdbx_validate_torsion.PDB_model_num 
_pdbx_validate_torsion.auth_comp_id 
_pdbx_validate_torsion.auth_asym_id 
_pdbx_validate_torsion.auth_seq_id 
_pdbx_validate_torsion.PDB_ins_code 
_pdbx_validate_torsion.label_alt_id 
_pdbx_validate_torsion.phi 
_pdbx_validate_torsion.psi 
1 1 ASP A 32 ? ? -146.18 48.51 
2 1 ASP A 32 ? ? -159.99 48.51 
3 1 ASP A 46 ? ? -85.15  37.84 
# 
loop_
_pdbx_unobs_or_zero_occ_residues.id 
_pdbx_unobs_or_zero_occ_residues.PDB_model_num 
_pdbx_unobs_or_zero_occ_residues.polymer_flag 
_pdbx_unobs_or_zero_occ_residues.occupancy_flag 
_pdbx_unobs_or_zero_occ_residues.auth_asym_id 
_pdbx_unobs_or_zero_occ_residues.auth_comp_id 
_pdbx_unobs_or_zero_occ_residues.auth_seq_id 
_pdbx_unobs_or_zero_occ_residues.PDB_ins_code 
_pdbx_unobs_or_zero_occ_residues.label_asym_id 
_pdbx_unobs_or_zero_occ_residues.label_comp_id 
_pdbx_unobs_or_zero_occ_residues.label_seq_id 
1 1 Y 1 A LEU 54 ? A LEU 54 
2 1 Y 1 A GLY 55 ? A GLY 55 
3 1 Y 1 A LEU 56 ? A LEU 56 
4 1 Y 1 A ASP 57 ? A ASP 57 
# 
loop_
_chem_comp_atom.comp_id 
_chem_comp_atom.atom_id 
_chem_comp_atom.type_symbol 
_chem_comp_atom.pdbx_aromatic_flag 
_chem_comp_atom.pdbx_stereo_config 
_chem_comp_atom.pdbx_ordinal 
ALA N    N  N N 1   
ALA CA   C  N S 2   
ALA C    C  N N 3   
ALA O    O  N N 4   
ALA CB   C  N N 5   
ALA OXT  O  N N 6   
ALA H    H  N N 7   
ALA H2   H  N N 8   
ALA HA   H  N N 9   
ALA HB1  H  N N 10  
ALA HB2  H  N N 11  
ALA HB3  H  N N 12  
ALA HXT  H  N N 13  
ARG N    N  N N 14  
ARG CA   C  N S 15  
ARG C    C  N N 16  
ARG O    O  N N 17  
ARG CB   C  N N 18  
ARG CG   C  N N 19  
ARG CD   C  N N 20  
ARG NE   N  N N 21  
ARG CZ   C  N N 22  
ARG NH1  N  N N 23  
ARG NH2  N  N N 24  
ARG OXT  O  N N 25  
ARG H    H  N N 26  
ARG H2   H  N N 27  
ARG HA   H  N N 28  
ARG HB2  H  N N 29  
ARG HB3  H  N N 30  
ARG HG2  H  N N 31  
ARG HG3  H  N N 32  
ARG HD2  H  N N 33  
ARG HD3  H  N N 34  
ARG HE   H  N N 35  
ARG HH11 H  N N 36  
ARG HH12 H  N N 37  
ARG HH21 H  N N 38  
ARG HH22 H  N N 39  
ARG HXT  H  N N 40  
ASN N    N  N N 41  
ASN CA   C  N S 42  
ASN C    C  N N 43  
ASN O    O  N N 44  
ASN CB   C  N N 45  
ASN CG   C  N N 46  
ASN OD1  O  N N 47  
ASN ND2  N  N N 48  
ASN OXT  O  N N 49  
ASN H    H  N N 50  
ASN H2   H  N N 51  
ASN HA   H  N N 52  
ASN HB2  H  N N 53  
ASN HB3  H  N N 54  
ASN HD21 H  N N 55  
ASN HD22 H  N N 56  
ASN HXT  H  N N 57  
ASP N    N  N N 58  
ASP CA   C  N S 59  
ASP C    C  N N 60  
ASP O    O  N N 61  
ASP CB   C  N N 62  
ASP CG   C  N N 63  
ASP OD1  O  N N 64  
ASP OD2  O  N N 65  
ASP OXT  O  N N 66  
ASP H    H  N N 67  
ASP H2   H  N N 68  
ASP HA   H  N N 69  
ASP HB2  H  N N 70  
ASP HB3  H  N N 71  
ASP HD2  H  N N 72  
ASP HXT  H  N N 73  
CL  CL   CL N N 74  
CYS N    N  N N 75  
CYS CA   C  N R 76  
CYS C    C  N N 77  
CYS O    O  N N 78  
CYS CB   C  N N 79  
CYS SG   S  N N 80  
CYS OXT  O  N N 81  
CYS H    H  N N 82  
CYS H2   H  N N 83  
CYS HA   H  N N 84  
CYS HB2  H  N N 85  
CYS HB3  H  N N 86  
CYS HG   H  N N 87  
CYS HXT  H  N N 88  
GLN N    N  N N 89  
GLN CA   C  N S 90  
GLN C    C  N N 91  
GLN O    O  N N 92  
GLN CB   C  N N 93  
GLN CG   C  N N 94  
GLN CD   C  N N 95  
GLN OE1  O  N N 96  
GLN NE2  N  N N 97  
GLN OXT  O  N N 98  
GLN H    H  N N 99  
GLN H2   H  N N 100 
GLN HA   H  N N 101 
GLN HB2  H  N N 102 
GLN HB3  H  N N 103 
GLN HG2  H  N N 104 
GLN HG3  H  N N 105 
GLN HE21 H  N N 106 
GLN HE22 H  N N 107 
GLN HXT  H  N N 108 
GLU N    N  N N 109 
GLU CA   C  N S 110 
GLU C    C  N N 111 
GLU O    O  N N 112 
GLU CB   C  N N 113 
GLU CG   C  N N 114 
GLU CD   C  N N 115 
GLU OE1  O  N N 116 
GLU OE2  O  N N 117 
GLU OXT  O  N N 118 
GLU H    H  N N 119 
GLU H2   H  N N 120 
GLU HA   H  N N 121 
GLU HB2  H  N N 122 
GLU HB3  H  N N 123 
GLU HG2  H  N N 124 
GLU HG3  H  N N 125 
GLU HE2  H  N N 126 
GLU HXT  H  N N 127 
GLY N    N  N N 128 
GLY CA   C  N N 129 
GLY C    C  N N 130 
GLY O    O  N N 131 
GLY OXT  O  N N 132 
GLY H    H  N N 133 
GLY H2   H  N N 134 
GLY HA2  H  N N 135 
GLY HA3  H  N N 136 
GLY HXT  H  N N 137 
HIS N    N  N N 138 
HIS CA   C  N S 139 
HIS C    C  N N 140 
HIS O    O  N N 141 
HIS CB   C  N N 142 
HIS CG   C  Y N 143 
HIS ND1  N  Y N 144 
HIS CD2  C  Y N 145 
HIS CE1  C  Y N 146 
HIS NE2  N  Y N 147 
HIS OXT  O  N N 148 
HIS H    H  N N 149 
HIS H2   H  N N 150 
HIS HA   H  N N 151 
HIS HB2  H  N N 152 
HIS HB3  H  N N 153 
HIS HD1  H  N N 154 
HIS HD2  H  N N 155 
HIS HE1  H  N N 156 
HIS HE2  H  N N 157 
HIS HXT  H  N N 158 
HOH O    O  N N 159 
HOH H1   H  N N 160 
HOH H2   H  N N 161 
ILE N    N  N N 162 
ILE CA   C  N S 163 
ILE C    C  N N 164 
ILE O    O  N N 165 
ILE CB   C  N S 166 
ILE CG1  C  N N 167 
ILE CG2  C  N N 168 
ILE CD1  C  N N 169 
ILE OXT  O  N N 170 
ILE H    H  N N 171 
ILE H2   H  N N 172 
ILE HA   H  N N 173 
ILE HB   H  N N 174 
ILE HG12 H  N N 175 
ILE HG13 H  N N 176 
ILE HG21 H  N N 177 
ILE HG22 H  N N 178 
ILE HG23 H  N N 179 
ILE HD11 H  N N 180 
ILE HD12 H  N N 181 
ILE HD13 H  N N 182 
ILE HXT  H  N N 183 
LEU N    N  N N 184 
LEU CA   C  N S 185 
LEU C    C  N N 186 
LEU O    O  N N 187 
LEU CB   C  N N 188 
LEU CG   C  N N 189 
LEU CD1  C  N N 190 
LEU CD2  C  N N 191 
LEU OXT  O  N N 192 
LEU H    H  N N 193 
LEU H2   H  N N 194 
LEU HA   H  N N 195 
LEU HB2  H  N N 196 
LEU HB3  H  N N 197 
LEU HG   H  N N 198 
LEU HD11 H  N N 199 
LEU HD12 H  N N 200 
LEU HD13 H  N N 201 
LEU HD21 H  N N 202 
LEU HD22 H  N N 203 
LEU HD23 H  N N 204 
LEU HXT  H  N N 205 
LYS N    N  N N 206 
LYS CA   C  N S 207 
LYS C    C  N N 208 
LYS O    O  N N 209 
LYS CB   C  N N 210 
LYS CG   C  N N 211 
LYS CD   C  N N 212 
LYS CE   C  N N 213 
LYS NZ   N  N N 214 
LYS OXT  O  N N 215 
LYS H    H  N N 216 
LYS H2   H  N N 217 
LYS HA   H  N N 218 
LYS HB2  H  N N 219 
LYS HB3  H  N N 220 
LYS HG2  H  N N 221 
LYS HG3  H  N N 222 
LYS HD2  H  N N 223 
LYS HD3  H  N N 224 
LYS HE2  H  N N 225 
LYS HE3  H  N N 226 
LYS HZ1  H  N N 227 
LYS HZ2  H  N N 228 
LYS HZ3  H  N N 229 
LYS HXT  H  N N 230 
MET N    N  N N 231 
MET CA   C  N S 232 
MET C    C  N N 233 
MET O    O  N N 234 
MET CB   C  N N 235 
MET CG   C  N N 236 
MET SD   S  N N 237 
MET CE   C  N N 238 
MET OXT  O  N N 239 
MET H    H  N N 240 
MET H2   H  N N 241 
MET HA   H  N N 242 
MET HB2  H  N N 243 
MET HB3  H  N N 244 
MET HG2  H  N N 245 
MET HG3  H  N N 246 
MET HE1  H  N N 247 
MET HE2  H  N N 248 
MET HE3  H  N N 249 
MET HXT  H  N N 250 
PHE N    N  N N 251 
PHE CA   C  N S 252 
PHE C    C  N N 253 
PHE O    O  N N 254 
PHE CB   C  N N 255 
PHE CG   C  Y N 256 
PHE CD1  C  Y N 257 
PHE CD2  C  Y N 258 
PHE CE1  C  Y N 259 
PHE CE2  C  Y N 260 
PHE CZ   C  Y N 261 
PHE OXT  O  N N 262 
PHE H    H  N N 263 
PHE H2   H  N N 264 
PHE HA   H  N N 265 
PHE HB2  H  N N 266 
PHE HB3  H  N N 267 
PHE HD1  H  N N 268 
PHE HD2  H  N N 269 
PHE HE1  H  N N 270 
PHE HE2  H  N N 271 
PHE HZ   H  N N 272 
PHE HXT  H  N N 273 
THR N    N  N N 274 
THR CA   C  N S 275 
THR C    C  N N 276 
THR O    O  N N 277 
THR CB   C  N R 278 
THR OG1  O  N N 279 
THR CG2  C  N N 280 
THR OXT  O  N N 281 
THR H    H  N N 282 
THR H2   H  N N 283 
THR HA   H  N N 284 
THR HB   H  N N 285 
THR HG1  H  N N 286 
THR HG21 H  N N 287 
THR HG22 H  N N 288 
THR HG23 H  N N 289 
THR HXT  H  N N 290 
TRP N    N  N N 291 
TRP CA   C  N S 292 
TRP C    C  N N 293 
TRP O    O  N N 294 
TRP CB   C  N N 295 
TRP CG   C  Y N 296 
TRP CD1  C  Y N 297 
TRP CD2  C  Y N 298 
TRP NE1  N  Y N 299 
TRP CE2  C  Y N 300 
TRP CE3  C  Y N 301 
TRP CZ2  C  Y N 302 
TRP CZ3  C  Y N 303 
TRP CH2  C  Y N 304 
TRP OXT  O  N N 305 
TRP H    H  N N 306 
TRP H2   H  N N 307 
TRP HA   H  N N 308 
TRP HB2  H  N N 309 
TRP HB3  H  N N 310 
TRP HD1  H  N N 311 
TRP HE1  H  N N 312 
TRP HE3  H  N N 313 
TRP HZ2  H  N N 314 
TRP HZ3  H  N N 315 
TRP HH2  H  N N 316 
TRP HXT  H  N N 317 
TYR N    N  N N 318 
TYR CA   C  N S 319 
TYR C    C  N N 320 
TYR O    O  N N 321 
TYR CB   C  N N 322 
TYR CG   C  Y N 323 
TYR CD1  C  Y N 324 
TYR CD2  C  Y N 325 
TYR CE1  C  Y N 326 
TYR CE2  C  Y N 327 
TYR CZ   C  Y N 328 
TYR OH   O  N N 329 
TYR OXT  O  N N 330 
TYR H    H  N N 331 
TYR H2   H  N N 332 
TYR HA   H  N N 333 
TYR HB2  H  N N 334 
TYR HB3  H  N N 335 
TYR HD1  H  N N 336 
TYR HD2  H  N N 337 
TYR HE1  H  N N 338 
TYR HE2  H  N N 339 
TYR HH   H  N N 340 
TYR HXT  H  N N 341 
VAL N    N  N N 342 
VAL CA   C  N S 343 
VAL C    C  N N 344 
VAL O    O  N N 345 
VAL CB   C  N N 346 
VAL CG1  C  N N 347 
VAL CG2  C  N N 348 
VAL OXT  O  N N 349 
VAL H    H  N N 350 
VAL H2   H  N N 351 
VAL HA   H  N N 352 
VAL HB   H  N N 353 
VAL HG11 H  N N 354 
VAL HG12 H  N N 355 
VAL HG13 H  N N 356 
VAL HG21 H  N N 357 
VAL HG22 H  N N 358 
VAL HG23 H  N N 359 
VAL HXT  H  N N 360 
ZN  ZN   ZN N N 361 
# 
loop_
_chem_comp_bond.comp_id 
_chem_comp_bond.atom_id_1 
_chem_comp_bond.atom_id_2 
_chem_comp_bond.value_order 
_chem_comp_bond.pdbx_aromatic_flag 
_chem_comp_bond.pdbx_stereo_config 
_chem_comp_bond.pdbx_ordinal 
ALA N   CA   sing N N 1   
ALA N   H    sing N N 2   
ALA N   H2   sing N N 3   
ALA CA  C    sing N N 4   
ALA CA  CB   sing N N 5   
ALA CA  HA   sing N N 6   
ALA C   O    doub N N 7   
ALA C   OXT  sing N N 8   
ALA CB  HB1  sing N N 9   
ALA CB  HB2  sing N N 10  
ALA CB  HB3  sing N N 11  
ALA OXT HXT  sing N N 12  
ARG N   CA   sing N N 13  
ARG N   H    sing N N 14  
ARG N   H2   sing N N 15  
ARG CA  C    sing N N 16  
ARG CA  CB   sing N N 17  
ARG CA  HA   sing N N 18  
ARG C   O    doub N N 19  
ARG C   OXT  sing N N 20  
ARG CB  CG   sing N N 21  
ARG CB  HB2  sing N N 22  
ARG CB  HB3  sing N N 23  
ARG CG  CD   sing N N 24  
ARG CG  HG2  sing N N 25  
ARG CG  HG3  sing N N 26  
ARG CD  NE   sing N N 27  
ARG CD  HD2  sing N N 28  
ARG CD  HD3  sing N N 29  
ARG NE  CZ   sing N N 30  
ARG NE  HE   sing N N 31  
ARG CZ  NH1  sing N N 32  
ARG CZ  NH2  doub N N 33  
ARG NH1 HH11 sing N N 34  
ARG NH1 HH12 sing N N 35  
ARG NH2 HH21 sing N N 36  
ARG NH2 HH22 sing N N 37  
ARG OXT HXT  sing N N 38  
ASN N   CA   sing N N 39  
ASN N   H    sing N N 40  
ASN N   H2   sing N N 41  
ASN CA  C    sing N N 42  
ASN CA  CB   sing N N 43  
ASN CA  HA   sing N N 44  
ASN C   O    doub N N 45  
ASN C   OXT  sing N N 46  
ASN CB  CG   sing N N 47  
ASN CB  HB2  sing N N 48  
ASN CB  HB3  sing N N 49  
ASN CG  OD1  doub N N 50  
ASN CG  ND2  sing N N 51  
ASN ND2 HD21 sing N N 52  
ASN ND2 HD22 sing N N 53  
ASN OXT HXT  sing N N 54  
ASP N   CA   sing N N 55  
ASP N   H    sing N N 56  
ASP N   H2   sing N N 57  
ASP CA  C    sing N N 58  
ASP CA  CB   sing N N 59  
ASP CA  HA   sing N N 60  
ASP C   O    doub N N 61  
ASP C   OXT  sing N N 62  
ASP CB  CG   sing N N 63  
ASP CB  HB2  sing N N 64  
ASP CB  HB3  sing N N 65  
ASP CG  OD1  doub N N 66  
ASP CG  OD2  sing N N 67  
ASP OD2 HD2  sing N N 68  
ASP OXT HXT  sing N N 69  
CYS N   CA   sing N N 70  
CYS N   H    sing N N 71  
CYS N   H2   sing N N 72  
CYS CA  C    sing N N 73  
CYS CA  CB   sing N N 74  
CYS CA  HA   sing N N 75  
CYS C   O    doub N N 76  
CYS C   OXT  sing N N 77  
CYS CB  SG   sing N N 78  
CYS CB  HB2  sing N N 79  
CYS CB  HB3  sing N N 80  
CYS SG  HG   sing N N 81  
CYS OXT HXT  sing N N 82  
GLN N   CA   sing N N 83  
GLN N   H    sing N N 84  
GLN N   H2   sing N N 85  
GLN CA  C    sing N N 86  
GLN CA  CB   sing N N 87  
GLN CA  HA   sing N N 88  
GLN C   O    doub N N 89  
GLN C   OXT  sing N N 90  
GLN CB  CG   sing N N 91  
GLN CB  HB2  sing N N 92  
GLN CB  HB3  sing N N 93  
GLN CG  CD   sing N N 94  
GLN CG  HG2  sing N N 95  
GLN CG  HG3  sing N N 96  
GLN CD  OE1  doub N N 97  
GLN CD  NE2  sing N N 98  
GLN NE2 HE21 sing N N 99  
GLN NE2 HE22 sing N N 100 
GLN OXT HXT  sing N N 101 
GLU N   CA   sing N N 102 
GLU N   H    sing N N 103 
GLU N   H2   sing N N 104 
GLU CA  C    sing N N 105 
GLU CA  CB   sing N N 106 
GLU CA  HA   sing N N 107 
GLU C   O    doub N N 108 
GLU C   OXT  sing N N 109 
GLU CB  CG   sing N N 110 
GLU CB  HB2  sing N N 111 
GLU CB  HB3  sing N N 112 
GLU CG  CD   sing N N 113 
GLU CG  HG2  sing N N 114 
GLU CG  HG3  sing N N 115 
GLU CD  OE1  doub N N 116 
GLU CD  OE2  sing N N 117 
GLU OE2 HE2  sing N N 118 
GLU OXT HXT  sing N N 119 
GLY N   CA   sing N N 120 
GLY N   H    sing N N 121 
GLY N   H2   sing N N 122 
GLY CA  C    sing N N 123 
GLY CA  HA2  sing N N 124 
GLY CA  HA3  sing N N 125 
GLY C   O    doub N N 126 
GLY C   OXT  sing N N 127 
GLY OXT HXT  sing N N 128 
HIS N   CA   sing N N 129 
HIS N   H    sing N N 130 
HIS N   H2   sing N N 131 
HIS CA  C    sing N N 132 
HIS CA  CB   sing N N 133 
HIS CA  HA   sing N N 134 
HIS C   O    doub N N 135 
HIS C   OXT  sing N N 136 
HIS CB  CG   sing N N 137 
HIS CB  HB2  sing N N 138 
HIS CB  HB3  sing N N 139 
HIS CG  ND1  sing Y N 140 
HIS CG  CD2  doub Y N 141 
HIS ND1 CE1  doub Y N 142 
HIS ND1 HD1  sing N N 143 
HIS CD2 NE2  sing Y N 144 
HIS CD2 HD2  sing N N 145 
HIS CE1 NE2  sing Y N 146 
HIS CE1 HE1  sing N N 147 
HIS NE2 HE2  sing N N 148 
HIS OXT HXT  sing N N 149 
HOH O   H1   sing N N 150 
HOH O   H2   sing N N 151 
ILE N   CA   sing N N 152 
ILE N   H    sing N N 153 
ILE N   H2   sing N N 154 
ILE CA  C    sing N N 155 
ILE CA  CB   sing N N 156 
ILE CA  HA   sing N N 157 
ILE C   O    doub N N 158 
ILE C   OXT  sing N N 159 
ILE CB  CG1  sing N N 160 
ILE CB  CG2  sing N N 161 
ILE CB  HB   sing N N 162 
ILE CG1 CD1  sing N N 163 
ILE CG1 HG12 sing N N 164 
ILE CG1 HG13 sing N N 165 
ILE CG2 HG21 sing N N 166 
ILE CG2 HG22 sing N N 167 
ILE CG2 HG23 sing N N 168 
ILE CD1 HD11 sing N N 169 
ILE CD1 HD12 sing N N 170 
ILE CD1 HD13 sing N N 171 
ILE OXT HXT  sing N N 172 
LEU N   CA   sing N N 173 
LEU N   H    sing N N 174 
LEU N   H2   sing N N 175 
LEU CA  C    sing N N 176 
LEU CA  CB   sing N N 177 
LEU CA  HA   sing N N 178 
LEU C   O    doub N N 179 
LEU C   OXT  sing N N 180 
LEU CB  CG   sing N N 181 
LEU CB  HB2  sing N N 182 
LEU CB  HB3  sing N N 183 
LEU CG  CD1  sing N N 184 
LEU CG  CD2  sing N N 185 
LEU CG  HG   sing N N 186 
LEU CD1 HD11 sing N N 187 
LEU CD1 HD12 sing N N 188 
LEU CD1 HD13 sing N N 189 
LEU CD2 HD21 sing N N 190 
LEU CD2 HD22 sing N N 191 
LEU CD2 HD23 sing N N 192 
LEU OXT HXT  sing N N 193 
LYS N   CA   sing N N 194 
LYS N   H    sing N N 195 
LYS N   H2   sing N N 196 
LYS CA  C    sing N N 197 
LYS CA  CB   sing N N 198 
LYS CA  HA   sing N N 199 
LYS C   O    doub N N 200 
LYS C   OXT  sing N N 201 
LYS CB  CG   sing N N 202 
LYS CB  HB2  sing N N 203 
LYS CB  HB3  sing N N 204 
LYS CG  CD   sing N N 205 
LYS CG  HG2  sing N N 206 
LYS CG  HG3  sing N N 207 
LYS CD  CE   sing N N 208 
LYS CD  HD2  sing N N 209 
LYS CD  HD3  sing N N 210 
LYS CE  NZ   sing N N 211 
LYS CE  HE2  sing N N 212 
LYS CE  HE3  sing N N 213 
LYS NZ  HZ1  sing N N 214 
LYS NZ  HZ2  sing N N 215 
LYS NZ  HZ3  sing N N 216 
LYS OXT HXT  sing N N 217 
MET N   CA   sing N N 218 
MET N   H    sing N N 219 
MET N   H2   sing N N 220 
MET CA  C    sing N N 221 
MET CA  CB   sing N N 222 
MET CA  HA   sing N N 223 
MET C   O    doub N N 224 
MET C   OXT  sing N N 225 
MET CB  CG   sing N N 226 
MET CB  HB2  sing N N 227 
MET CB  HB3  sing N N 228 
MET CG  SD   sing N N 229 
MET CG  HG2  sing N N 230 
MET CG  HG3  sing N N 231 
MET SD  CE   sing N N 232 
MET CE  HE1  sing N N 233 
MET CE  HE2  sing N N 234 
MET CE  HE3  sing N N 235 
MET OXT HXT  sing N N 236 
PHE N   CA   sing N N 237 
PHE N   H    sing N N 238 
PHE N   H2   sing N N 239 
PHE CA  C    sing N N 240 
PHE CA  CB   sing N N 241 
PHE CA  HA   sing N N 242 
PHE C   O    doub N N 243 
PHE C   OXT  sing N N 244 
PHE CB  CG   sing N N 245 
PHE CB  HB2  sing N N 246 
PHE CB  HB3  sing N N 247 
PHE CG  CD1  doub Y N 248 
PHE CG  CD2  sing Y N 249 
PHE CD1 CE1  sing Y N 250 
PHE CD1 HD1  sing N N 251 
PHE CD2 CE2  doub Y N 252 
PHE CD2 HD2  sing N N 253 
PHE CE1 CZ   doub Y N 254 
PHE CE1 HE1  sing N N 255 
PHE CE2 CZ   sing Y N 256 
PHE CE2 HE2  sing N N 257 
PHE CZ  HZ   sing N N 258 
PHE OXT HXT  sing N N 259 
THR N   CA   sing N N 260 
THR N   H    sing N N 261 
THR N   H2   sing N N 262 
THR CA  C    sing N N 263 
THR CA  CB   sing N N 264 
THR CA  HA   sing N N 265 
THR C   O    doub N N 266 
THR C   OXT  sing N N 267 
THR CB  OG1  sing N N 268 
THR CB  CG2  sing N N 269 
THR CB  HB   sing N N 270 
THR OG1 HG1  sing N N 271 
THR CG2 HG21 sing N N 272 
THR CG2 HG22 sing N N 273 
THR CG2 HG23 sing N N 274 
THR OXT HXT  sing N N 275 
TRP N   CA   sing N N 276 
TRP N   H    sing N N 277 
TRP N   H2   sing N N 278 
TRP CA  C    sing N N 279 
TRP CA  CB   sing N N 280 
TRP CA  HA   sing N N 281 
TRP C   O    doub N N 282 
TRP C   OXT  sing N N 283 
TRP CB  CG   sing N N 284 
TRP CB  HB2  sing N N 285 
TRP CB  HB3  sing N N 286 
TRP CG  CD1  doub Y N 287 
TRP CG  CD2  sing Y N 288 
TRP CD1 NE1  sing Y N 289 
TRP CD1 HD1  sing N N 290 
TRP CD2 CE2  doub Y N 291 
TRP CD2 CE3  sing Y N 292 
TRP NE1 CE2  sing Y N 293 
TRP NE1 HE1  sing N N 294 
TRP CE2 CZ2  sing Y N 295 
TRP CE3 CZ3  doub Y N 296 
TRP CE3 HE3  sing N N 297 
TRP CZ2 CH2  doub Y N 298 
TRP CZ2 HZ2  sing N N 299 
TRP CZ3 CH2  sing Y N 300 
TRP CZ3 HZ3  sing N N 301 
TRP CH2 HH2  sing N N 302 
TRP OXT HXT  sing N N 303 
TYR N   CA   sing N N 304 
TYR N   H    sing N N 305 
TYR N   H2   sing N N 306 
TYR CA  C    sing N N 307 
TYR CA  CB   sing N N 308 
TYR CA  HA   sing N N 309 
TYR C   O    doub N N 310 
TYR C   OXT  sing N N 311 
TYR CB  CG   sing N N 312 
TYR CB  HB2  sing N N 313 
TYR CB  HB3  sing N N 314 
TYR CG  CD1  doub Y N 315 
TYR CG  CD2  sing Y N 316 
TYR CD1 CE1  sing Y N 317 
TYR CD1 HD1  sing N N 318 
TYR CD2 CE2  doub Y N 319 
TYR CD2 HD2  sing N N 320 
TYR CE1 CZ   doub Y N 321 
TYR CE1 HE1  sing N N 322 
TYR CE2 CZ   sing Y N 323 
TYR CE2 HE2  sing N N 324 
TYR CZ  OH   sing N N 325 
TYR OH  HH   sing N N 326 
TYR OXT HXT  sing N N 327 
VAL N   CA   sing N N 328 
VAL N   H    sing N N 329 
VAL N   H2   sing N N 330 
VAL CA  C    sing N N 331 
VAL CA  CB   sing N N 332 
VAL CA  HA   sing N N 333 
VAL C   O    doub N N 334 
VAL C   OXT  sing N N 335 
VAL CB  CG1  sing N N 336 
VAL CB  CG2  sing N N 337 
VAL CB  HB   sing N N 338 
VAL CG1 HG11 sing N N 339 
VAL CG1 HG12 sing N N 340 
VAL CG1 HG13 sing N N 341 
VAL CG2 HG21 sing N N 342 
VAL CG2 HG22 sing N N 343 
VAL CG2 HG23 sing N N 344 
VAL OXT HXT  sing N N 345 
# 
_atom_sites.entry_id                    6DS6 
_atom_sites.fract_transf_matrix[1][1]   -0.00425196 
_atom_sites.fract_transf_matrix[1][2]   -0.01332504 
_atom_sites.fract_transf_matrix[1][3]   -0.01789665 
_atom_sites.fract_transf_matrix[2][1]   0.00671699 
_atom_sites.fract_transf_matrix[2][2]   -0.01813799 
_atom_sites.fract_transf_matrix[2][3]   0.01190887 
_atom_sites.fract_transf_matrix[3][1]   -0.01090475 
_atom_sites.fract_transf_matrix[3][2]   -0.00156986 
_atom_sites.fract_transf_matrix[3][3]   0.00375964 
_atom_sites.fract_transf_vector[1]      0.210192 
_atom_sites.fract_transf_vector[2]      -0.257242 
_atom_sites.fract_transf_vector[3]      0.053792 
# 
loop_
_atom_type.symbol 
C  
CL 
N  
O  
S  
ZN 
# 
loop_
_atom_site.group_PDB 
_atom_site.id 
_atom_site.type_symbol 
_atom_site.label_atom_id 
_atom_site.label_alt_id 
_atom_site.label_comp_id 
_atom_site.label_asym_id 
_atom_site.label_entity_id 
_atom_site.label_seq_id 
_atom_site.pdbx_PDB_ins_code 
_atom_site.Cartn_x 
_atom_site.Cartn_y 
_atom_site.Cartn_z 
_atom_site.occupancy 
_atom_site.B_iso_or_equiv 
_atom_site.pdbx_formal_charge 
_atom_site.auth_seq_id 
_atom_site.auth_comp_id 
_atom_site.auth_asym_id 
_atom_site.auth_atom_id 
_atom_site.pdbx_PDB_model_num 
ATOM   1   N  N   . ALA A 1 1  ? -35.039 -7.769  7.298   1.00 35.54 ?  1    ALA A N   1 
ATOM   2   C  CA  . ALA A 1 1  ? -34.873 -7.933  5.846   1.00 41.22 ?  1    ALA A CA  1 
ATOM   3   C  C   . ALA A 1 1  ? -33.464 -7.504  5.416   1.00 35.07 ?  1    ALA A C   1 
ATOM   4   O  O   . ALA A 1 1  ? -32.910 -6.573  5.995   1.00 36.80 ?  1    ALA A O   1 
ATOM   5   C  CB  . ALA A 1 1  ? -35.942 -7.119  5.087   1.00 35.61 ?  1    ALA A CB  1 
ATOM   6   N  N   . ARG A 1 2  ? -32.893 -8.180  4.416   1.00 41.20 ?  2    ARG A N   1 
ATOM   7   C  CA  . ARG A 1 2  ? -31.557 -7.860  3.922   1.00 39.86 ?  2    ARG A CA  1 
ATOM   8   C  C   . ARG A 1 2  ? -31.594 -7.619  2.419   1.00 43.72 ?  2    ARG A C   1 
ATOM   9   O  O   . ARG A 1 2  ? -32.340 -8.285  1.691   1.00 45.91 ?  2    ARG A O   1 
ATOM   10  C  CB  . ARG A 1 2  ? -30.548 -8.979  4.246   1.00 41.56 ?  2    ARG A CB  1 
ATOM   11  C  CG  . ARG A 1 2  ? -30.823 -10.316 3.560   1.00 44.37 ?  2    ARG A CG  1 
ATOM   12  C  CD  . ARG A 1 2  ? -29.848 -11.396 4.033   1.00 41.39 ?  2    ARG A CD  1 
ATOM   13  N  NE  . ARG A 1 2  ? -30.039 -12.675 3.347   1.00 43.66 ?  2    ARG A NE  1 
ATOM   14  C  CZ  . ARG A 1 2  ? -31.026 -13.532 3.597   1.00 55.05 ?  2    ARG A CZ  1 
ATOM   15  N  NH1 . ARG A 1 2  ? -31.937 -13.257 4.523   1.00 44.72 ?  2    ARG A NH1 1 
ATOM   16  N  NH2 . ARG A 1 2  ? -31.104 -14.669 2.918   1.00 51.28 ?  2    ARG A NH2 1 
ATOM   17  N  N   . THR A 1 3  ? -30.799 -6.643  1.963   1.00 41.92 ?  3    THR A N   1 
ATOM   18  C  CA  . THR A 1 3  ? -30.546 -6.421  0.547   1.00 34.36 ?  3    THR A CA  1 
ATOM   19  C  C   . THR A 1 3  ? -29.059 -6.130  0.348   1.00 35.12 ?  3    THR A C   1 
ATOM   20  O  O   . THR A 1 3  ? -28.316 -5.871  1.298   1.00 38.53 ?  3    THR A O   1 
ATOM   21  C  CB  . THR A 1 3  ? -31.364 -5.261  -0.023  1.00 34.28 ?  3    THR A CB  1 
ATOM   22  O  OG1 . THR A 1 3  ? -30.972 -4.053  0.630   1.00 38.74 ?  3    THR A OG1 1 
ATOM   23  C  CG2 . THR A 1 3  ? -32.887 -5.488  0.151   1.00 47.44 ?  3    THR A CG2 1 
ATOM   24  N  N   . LYS A 1 4  ? -28.625 -6.169  -0.903  1.00 39.85 ?  4    LYS A N   1 
ATOM   25  C  CA  . LYS A 1 4  ? -27.242 -5.853  -1.240  1.00 40.62 ?  4    LYS A CA  1 
ATOM   26  C  C   . LYS A 1 4  ? -27.094 -4.352  -1.446  1.00 37.55 ?  4    LYS A C   1 
ATOM   27  O  O   . LYS A 1 4  ? -27.985 -3.693  -1.984  1.00 37.73 ?  4    LYS A O   1 
ATOM   28  C  CB  . LYS A 1 4  ? -26.790 -6.597  -2.498  1.00 38.61 ?  4    LYS A CB  1 
ATOM   29  C  CG  . LYS A 1 4  ? -26.718 -8.107  -2.368  1.00 39.14 ?  4    LYS A CG  1 
ATOM   30  C  CD  . LYS A 1 4  ? -25.553 -8.527  -1.515  1.00 35.68 ?  4    LYS A CD  1 
ATOM   31  C  CE  . LYS A 1 4  ? -25.209 -9.999  -1.700  1.00 35.84 ?  4    LYS A CE  1 
ATOM   32  N  NZ  . LYS A 1 4  ? -24.472 -10.326 -2.950  1.00 36.78 ?  4    LYS A NZ  1 
ATOM   33  N  N   . GLN A 1 5  ? -25.973 -3.810  -0.990  1.00 34.53 ?  5    GLN A N   1 
ATOM   34  C  CA  . GLN A 1 5  ? -25.574 -2.458  -1.336  1.00 28.57 ?  5    GLN A CA  1 
ATOM   35  C  C   . GLN A 1 5  ? -24.195 -2.527  -1.976  1.00 33.43 ?  5    GLN A C   1 
ATOM   36  O  O   . GLN A 1 5  ? -23.297 -3.196  -1.453  1.00 34.66 ?  5    GLN A O   1 
ATOM   37  C  CB  . GLN A 1 5  ? -25.540 -1.542  -0.120  1.00 32.79 ?  5    GLN A CB  1 
ATOM   38  C  CG  . GLN A 1 5  ? -24.953 -0.191  -0.435  1.00 40.38 ?  5    GLN A CG  1 
ATOM   39  C  CD  . GLN A 1 5  ? -24.824 0.693   0.783   1.00 47.63 ?  5    GLN A CD  1 
ATOM   40  O  OE1 . GLN A 1 5  ? -23.760 0.782   1.396   1.00 59.07 ?  5    GLN A OE1 1 
ATOM   41  N  NE2 . GLN A 1 5  ? -25.894 1.373   1.126   1.00 55.68 ?  5    GLN A NE2 1 
ATOM   42  N  N   . THR A 1 6  ? -24.027 -1.822  -3.083  1.00 32.13 ?  6    THR A N   1 
ATOM   43  C  CA  . THR A 1 6  ? -22.738 -1.712  -3.744  1.00 28.87 ?  6    THR A CA  1 
ATOM   44  C  C   . THR A 1 6  ? -21.926 -0.581  -3.124  1.00 31.13 ?  6    THR A C   1 
ATOM   45  O  O   . THR A 1 6  ? -22.463 0.472   -2.779  1.00 30.30 ?  6    THR A O   1 
ATOM   46  C  CB  . THR A 1 6  ? -22.946 -1.480  -5.240  1.00 30.96 ?  6    THR A CB  1 
ATOM   47  O  OG1 . THR A 1 6  ? -23.484 -2.672  -5.807  1.00 36.80 ?  6    THR A OG1 1 
ATOM   48  C  CG2 . THR A 1 6  ? -21.599 -1.164  -5.970  1.00 33.32 ?  6    THR A CG2 1 
ATOM   49  N  N   . GLN A 1 7  ? -20.630 -0.821  -2.954  1.00 31.58 ?  7    GLN A N   1 
ATOM   50  C  CA  . GLN A 1 7  ? -19.724 0.182   -2.417  1.00 30.78 ?  7    GLN A CA  1 
ATOM   51  C  C   . GLN A 1 7  ? -18.317 -0.129  -2.921  1.00 33.30 ?  7    GLN A C   1 
ATOM   52  O  O   . GLN A 1 7  ? -18.103 -1.116  -3.633  1.00 34.98 ?  7    GLN A O   1 
ATOM   53  C  CB  . GLN A 1 7  ? -19.788 0.207   -0.898  1.00 32.92 ?  7    GLN A CB  1 
ATOM   54  C  CG  . GLN A 1 7  ? -19.385 -1.096  -0.244  1.00 37.80 ?  7    GLN A CG  1 
ATOM   55  C  CD  . GLN A 1 7  ? -19.647 -1.078  1.243   1.00 50.66 ?  7    GLN A CD  1 
ATOM   56  O  OE1 . GLN A 1 7  ? -20.646 -0.519  1.710   1.00 57.84 ?  7    GLN A OE1 1 
ATOM   57  N  NE2 . GLN A 1 7  ? -18.756 -1.689  1.996   1.00 44.96 ?  7    GLN A NE2 1 
ATOM   58  N  N   . ASP A 1 8  ? -17.355 0.725   -2.575  1.00 33.22 ?  8    ASP A N   1 
ATOM   59  C  CA  . ASP A 1 8  ? -15.985 0.468   -3.000  1.00 39.21 ?  8    ASP A CA  1 
ATOM   60  C  C   . ASP A 1 8  ? -15.033 0.434   -1.812  1.00 39.68 ?  8    ASP A C   1 
ATOM   61  O  O   . ASP A 1 8  ? -15.407 0.683   -0.660  1.00 38.81 ?  8    ASP A O   1 
ATOM   62  C  CB  . ASP A 1 8  ? -15.514 1.472   -4.076  1.00 34.04 ?  8    ASP A CB  1 
ATOM   63  C  CG  . ASP A 1 8  ? -15.363 2.905   -3.577  1.00 31.47 ?  8    ASP A CG  1 
ATOM   64  O  OD1 . ASP A 1 8  ? -15.245 3.176   -2.361  1.00 33.38 ?  8    ASP A OD1 1 
ATOM   65  O  OD2 . ASP A 1 8  ? -15.352 3.785   -4.462  1.00 35.21 -1 8    ASP A OD2 1 
ATOM   66  N  N   . ARG A 1 9  ? -13.792 0.064   -2.115  1.00 34.46 ?  9    ARG A N   1 
ATOM   67  C  CA  . ARG A 1 9  ? -12.723 0.025   -1.130  1.00 34.92 ?  9    ARG A CA  1 
ATOM   68  C  C   . ARG A 1 9  ? -11.398 0.217   -1.856  1.00 40.45 ?  9    ARG A C   1 
ATOM   69  O  O   . ARG A 1 9  ? -11.319 0.125   -3.080  1.00 37.38 ?  9    ARG A O   1 
ATOM   70  C  CB  . ARG A 1 9  ? -12.737 -1.288  -0.358  1.00 33.73 ?  9    ARG A CB  1 
ATOM   71  C  CG  . ARG A 1 9  ? -12.363 -2.482  -1.197  1.00 39.66 ?  9    ARG A CG  1 
ATOM   72  C  CD  . ARG A 1 9  ? -11.540 -3.433  -0.363  1.00 50.67 ?  9    ARG A CD  1 
ATOM   73  N  NE  . ARG A 1 9  ? -11.621 -4.807  -0.835  1.00 57.92 ?  9    ARG A NE  1 
ATOM   74  C  CZ  . ARG A 1 9  ? -10.728 -5.742  -0.529  1.00 63.87 ?  9    ARG A CZ  1 
ATOM   75  N  NH1 . ARG A 1 9  ? -9.695  -5.438  0.252   1.00 57.41 ?  9    ARG A NH1 1 
ATOM   76  N  NH2 . ARG A 1 9  ? -10.871 -6.977  -1.003  1.00 68.51 ?  9    ARG A NH2 1 
ATOM   77  N  N   . PHE A 1 10 ? -10.355 0.503   -1.094  1.00 35.77 ?  10   PHE A N   1 
ATOM   78  C  CA  . PHE A 1 10 ? -9.030  0.643   -1.671  1.00 38.31 ?  10   PHE A CA  1 
ATOM   79  C  C   . PHE A 1 10 ? -8.303  -0.686  -1.625  1.00 36.49 ?  10   PHE A C   1 
ATOM   80  O  O   . PHE A 1 10 ? -8.361  -1.400  -0.628  1.00 41.11 ?  10   PHE A O   1 
ATOM   81  C  CB  . PHE A 1 10 ? -8.218  1.697   -0.930  1.00 36.45 ?  10   PHE A CB  1 
ATOM   82  C  CG  . PHE A 1 10 ? -8.633  3.094   -1.240  1.00 44.44 ?  10   PHE A CG  1 
ATOM   83  C  CD1 . PHE A 1 10 ? -8.285  3.682   -2.438  1.00 44.37 ?  10   PHE A CD1 1 
ATOM   84  C  CD2 . PHE A 1 10 ? -9.373  3.823   -0.330  1.00 40.87 ?  10   PHE A CD2 1 
ATOM   85  C  CE1 . PHE A 1 10 ? -8.661  4.981   -2.723  1.00 38.31 ?  10   PHE A CE1 1 
ATOM   86  C  CE2 . PHE A 1 10 ? -9.749  5.116   -0.612  1.00 42.37 ?  10   PHE A CE2 1 
ATOM   87  C  CZ  . PHE A 1 10 ? -9.394  5.695   -1.810  1.00 42.35 ?  10   PHE A CZ  1 
ATOM   88  N  N   . VAL A 1 11 ? -7.626  -1.016  -2.723  1.00 35.42 ?  11   VAL A N   1 
ATOM   89  C  CA  . VAL A 1 11 ? -6.772  -2.190  -2.812  1.00 29.45 ?  11   VAL A CA  1 
ATOM   90  C  C   . VAL A 1 11 ? -5.376  -1.687  -3.177  1.00 35.13 ?  11   VAL A C   1 
ATOM   91  O  O   . VAL A 1 11 ? -5.236  -0.814  -4.042  1.00 37.55 ?  11   VAL A O   1 
ATOM   92  C  CB  . VAL A 1 11 ? -7.303  -3.200  -3.846  1.00 33.96 ?  11   VAL A CB  1 
ATOM   93  C  CG1 . VAL A 1 11 ? -8.679  -3.808  -3.391  1.00 41.55 ?  11   VAL A CG1 1 
ATOM   94  C  CG2 . VAL A 1 11 ? -7.493  -2.518  -5.171  1.00 38.97 ?  11   VAL A CG2 1 
ATOM   95  N  N   . TYR A 1 12 ? -4.357  -2.192  -2.487  1.00 36.85 ?  12   TYR A N   1 
ATOM   96  C  CA  . TYR A 1 12 ? -2.992  -1.678  -2.607  1.00 39.99 ?  12   TYR A CA  1 
ATOM   97  C  C   . TYR A 1 12 ? -2.056  -2.717  -3.213  1.00 35.22 ?  12   TYR A C   1 
ATOM   98  O  O   . TYR A 1 12 ? -2.189  -3.917  -2.950  1.00 42.49 ?  12   TYR A O   1 
ATOM   99  C  CB  . TYR A 1 12 ? -2.441  -1.238  -1.236  1.00 36.09 ?  12   TYR A CB  1 
ATOM   100 C  CG  . TYR A 1 12 ? -3.223  -0.113  -0.597  1.00 39.24 ?  12   TYR A CG  1 
ATOM   101 C  CD1 . TYR A 1 12 ? -2.823  1.205   -0.730  1.00 40.48 ?  12   TYR A CD1 1 
ATOM   102 C  CD2 . TYR A 1 12 ? -4.386  -0.374  0.126   1.00 40.84 ?  12   TYR A CD2 1 
ATOM   103 C  CE1 . TYR A 1 12 ? -3.544  2.231   -0.151  1.00 39.85 ?  12   TYR A CE1 1 
ATOM   104 C  CE2 . TYR A 1 12 ? -5.111  0.643   0.707   1.00 43.19 ?  12   TYR A CE2 1 
ATOM   105 C  CZ  . TYR A 1 12 ? -4.691  1.944   0.559   1.00 43.82 ?  12   TYR A CZ  1 
ATOM   106 O  OH  . TYR A 1 12 ? -5.416  2.959   1.136   1.00 51.64 ?  12   TYR A OH  1 
ATOM   107 N  N   . THR A 1 13 ? -1.105  -2.245  -4.022  1.00 41.72 ?  13   THR A N   1 
ATOM   108 C  CA  . THR A 1 13 ? -0.006  -3.051  -4.531  1.00 44.44 ?  13   THR A CA  1 
ATOM   109 C  C   . THR A 1 13 ? 1.319   -2.399  -4.152  1.00 42.61 ?  13   THR A C   1 
ATOM   110 O  O   . THR A 1 13 ? 1.391   -1.189  -3.911  1.00 45.75 ?  13   THR A O   1 
ATOM   111 C  CB  . THR A 1 13 ? -0.061  -3.203  -6.057  1.00 43.35 ?  13   THR A CB  1 
ATOM   112 O  OG1 . THR A 1 13 ? -0.065  -1.902  -6.663  1.00 43.80 ?  13   THR A OG1 1 
ATOM   113 C  CG2 . THR A 1 13 ? -1.311  -3.978  -6.496  1.00 36.72 ?  13   THR A CG2 1 
ATOM   114 N  N   . CYS A 1 14 ? 2.378   -3.210  -4.110  1.00 44.79 ?  14   CYS A N   1 
ATOM   115 C  CA  . CYS A 1 14 ? 3.717   -2.669  -3.894  1.00 42.27 ?  14   CYS A CA  1 
ATOM   116 C  C   . CYS A 1 14 ? 4.221   -2.049  -5.187  1.00 43.32 ?  14   CYS A C   1 
ATOM   117 O  O   . CYS A 1 14 ? 4.221   -2.703  -6.231  1.00 52.18 ?  14   CYS A O   1 
ATOM   118 C  CB  . CYS A 1 14 ? 4.691   -3.749  -3.425  1.00 39.90 ?  14   CYS A CB  1 
ATOM   119 S  SG  . CYS A 1 14 ? 6.430   -3.169  -3.482  1.00 48.08 ?  14   CYS A SG  1 
ATOM   120 N  N   . ASN A 1 15 ? 4.642   -0.786  -5.126  1.00 36.68 ?  15   ASN A N   1 
ATOM   121 C  CA  . ASN A 1 15 ? 5.093   -0.127  -6.344  1.00 43.63 ?  15   ASN A CA  1 
ATOM   122 C  C   . ASN A 1 15 ? 6.324   -0.805  -6.940  1.00 52.67 ?  15   ASN A C   1 
ATOM   123 O  O   . ASN A 1 15 ? 6.594   -0.625  -8.132  1.00 43.27 ?  15   ASN A O   1 
ATOM   124 C  CB  . ASN A 1 15 ? 5.420   1.343   -6.078  1.00 39.19 ?  15   ASN A CB  1 
ATOM   125 C  CG  . ASN A 1 15 ? 4.200   2.205   -5.946  1.00 40.24 ?  15   ASN A CG  1 
ATOM   126 O  OD1 . ASN A 1 15 ? 3.385   2.027   -5.038  1.00 38.03 ?  15   ASN A OD1 1 
ATOM   127 N  ND2 . ASN A 1 15 ? 4.081   3.184   -6.828  1.00 39.89 ?  15   ASN A ND2 1 
ATOM   128 N  N   . GLU A 1 16 ? 7.065   -1.581  -6.140  1.00 47.84 ?  16   GLU A N   1 
ATOM   129 C  CA  . GLU A 1 16 ? 8.294   -2.235  -6.590  1.00 53.56 ?  16   GLU A CA  1 
ATOM   130 C  C   . GLU A 1 16 ? 8.038   -3.616  -7.184  1.00 47.82 ?  16   GLU A C   1 
ATOM   131 O  O   . GLU A 1 16 ? 8.312   -3.846  -8.365  1.00 59.81 ?  16   GLU A O   1 
ATOM   132 C  CB  . GLU A 1 16 ? 9.303   -2.342  -5.442  1.00 48.76 ?  16   GLU A CB  1 
ATOM   133 C  CG  . GLU A 1 16 ? 10.034  -1.050  -5.187  1.00 54.93 ?  16   GLU A CG  1 
ATOM   134 C  CD  . GLU A 1 16 ? 10.681  -0.500  -6.436  1.00 67.46 ?  16   GLU A CD  1 
ATOM   135 O  OE1 . GLU A 1 16 ? 11.489  -1.238  -7.047  1.00 68.11 ?  16   GLU A OE1 1 
ATOM   136 O  OE2 . GLU A 1 16 ? 10.389  0.667   -6.795  1.00 53.95 -1 16   GLU A OE2 1 
ATOM   137 N  N   . CYS A 1 17 ? 7.523   -4.546  -6.387  1.00 49.62 ?  17   CYS A N   1 
ATOM   138 C  CA  . CYS A 1 17 ? 7.338   -5.901  -6.887  1.00 51.83 ?  17   CYS A CA  1 
ATOM   139 C  C   . CYS A 1 17 ? 5.955   -6.133  -7.487  1.00 58.42 ?  17   CYS A C   1 
ATOM   140 O  O   . CYS A 1 17 ? 5.695   -7.231  -7.988  1.00 59.19 ?  17   CYS A O   1 
ATOM   141 C  CB  . CYS A 1 17 ? 7.623   -6.929  -5.781  1.00 48.83 ?  17   CYS A CB  1 
ATOM   142 S  SG  . CYS A 1 17 ? 6.532   -6.954  -4.333  1.00 52.12 ?  17   CYS A SG  1 
ATOM   143 N  N   . LYS A 1 18 ? 5.075   -5.128  -7.459  1.00 57.62 ?  18   LYS A N   1 
ATOM   144 C  CA  . LYS A 1 18 ? 3.730   -5.148  -8.037  1.00 44.76 ?  18   LYS A CA  1 
ATOM   145 C  C   . LYS A 1 18 ? 2.799   -6.141  -7.365  1.00 54.97 ?  18   LYS A C   1 
ATOM   146 O  O   . LYS A 1 18 ? 1.681   -6.354  -7.852  1.00 54.97 ?  18   LYS A O   1 
ATOM   147 C  CB  . LYS A 1 18 ? 3.756   -5.420  -9.549  1.00 52.75 ?  18   LYS A CB  1 
ATOM   148 C  CG  . LYS A 1 18 ? 4.836   -4.664  -10.313 1.00 55.34 ?  18   LYS A CG  1 
ATOM   149 C  CD  . LYS A 1 18 ? 4.683   -3.166  -10.168 1.00 58.42 ?  18   LYS A CD  1 
ATOM   150 C  CE  . LYS A 1 18 ? 5.587   -2.408  -11.135 1.00 61.25 ?  18   LYS A CE  1 
ATOM   151 N  NZ  . LYS A 1 18 ? 5.417   -0.929  -11.023 1.00 57.94 ?  18   LYS A NZ  1 
ATOM   152 N  N   . HIS A 1 19 ? 3.213   -6.753  -6.259  1.00 47.68 ?  19   HIS A N   1 
ATOM   153 C  CA  . HIS A 1 19 ? 2.338   -7.679  -5.560  1.00 50.95 ?  19   HIS A CA  1 
ATOM   154 C  C   . HIS A 1 19 ? 1.291   -6.944  -4.731  1.00 52.32 ?  19   HIS A C   1 
ATOM   155 O  O   . HIS A 1 19 ? 1.469   -5.787  -4.334  1.00 47.06 ?  19   HIS A O   1 
ATOM   156 C  CB  . HIS A 1 19 ? 3.138   -8.604  -4.644  1.00 49.43 ?  19   HIS A CB  1 
ATOM   157 C  CG  . HIS A 1 19 ? 3.969   -9.610  -5.375  1.00 62.05 ?  19   HIS A CG  1 
ATOM   158 N  ND1 . HIS A 1 19 ? 4.683   -9.302  -6.515  1.00 65.82 ?  19   HIS A ND1 1 
ATOM   159 C  CD2 . HIS A 1 19 ? 4.211   -10.918 -5.122  1.00 67.13 ?  19   HIS A CD2 1 
ATOM   160 C  CE1 . HIS A 1 19 ? 5.324   -10.378 -6.933  1.00 71.35 ?  19   HIS A CE1 1 
ATOM   161 N  NE2 . HIS A 1 19 ? 5.055   -11.373 -6.106  1.00 72.00 ?  19   HIS A NE2 1 
ATOM   162 N  N   A HIS A 1 20 ? 0.180   -7.630  -4.484  0.44 51.62 ?  20   HIS A N   1 
ATOM   163 N  N   B HIS A 1 20 ? 0.185   -7.644  -4.473  0.56 51.64 ?  20   HIS A N   1 
ATOM   164 C  CA  A HIS A 1 20 ? -0.828  -7.105  -3.581  0.44 48.74 ?  20   HIS A CA  1 
ATOM   165 C  CA  B HIS A 1 20 ? -0.848  -7.192  -3.548  0.56 48.72 ?  20   HIS A CA  1 
ATOM   166 C  C   A HIS A 1 20 ? -0.275  -7.053  -2.164  0.44 52.51 ?  20   HIS A C   1 
ATOM   167 C  C   B HIS A 1 20 ? -0.277  -7.077  -2.139  0.56 52.57 ?  20   HIS A C   1 
ATOM   168 O  O   A HIS A 1 20 ? 0.428   -7.965  -1.719  0.44 51.68 ?  20   HIS A O   1 
ATOM   169 O  O   B HIS A 1 20 ? 0.439   -7.967  -1.671  0.56 51.69 ?  20   HIS A O   1 
ATOM   170 C  CB  A HIS A 1 20 ? -2.089  -7.967  -3.630  0.44 53.13 ?  20   HIS A CB  1 
ATOM   171 C  CB  B HIS A 1 20 ? -2.021  -8.187  -3.581  0.56 53.25 ?  20   HIS A CB  1 
ATOM   172 C  CG  A HIS A 1 20 ? -2.909  -7.771  -4.867  0.44 50.19 ?  20   HIS A CG  1 
ATOM   173 C  CG  B HIS A 1 20 ? -3.108  -7.921  -2.577  0.56 48.21 ?  20   HIS A CG  1 
ATOM   174 N  ND1 A HIS A 1 20 ? -3.123  -8.775  -5.786  0.44 52.88 ?  20   HIS A ND1 1 
ATOM   175 N  ND1 B HIS A 1 20 ? -3.976  -6.853  -2.673  0.56 49.41 ?  20   HIS A ND1 1 
ATOM   176 C  CD2 A HIS A 1 20 ? -3.566  -6.684  -5.338  0.44 51.85 ?  20   HIS A CD2 1 
ATOM   177 C  CD2 B HIS A 1 20 ? -3.495  -8.619  -1.481  0.56 47.54 ?  20   HIS A CD2 1 
ATOM   178 C  CE1 A HIS A 1 20 ? -3.877  -8.318  -6.768  0.44 58.86 ?  20   HIS A CE1 1 
ATOM   179 C  CE1 B HIS A 1 20 ? -4.832  -6.890  -1.667  0.56 47.27 ?  20   HIS A CE1 1 
ATOM   180 N  NE2 A HIS A 1 20 ? -4.159  -7.051  -6.521  0.44 54.46 ?  20   HIS A NE2 1 
ATOM   181 N  NE2 B HIS A 1 20 ? -4.561  -7.951  -0.927  0.56 45.00 ?  20   HIS A NE2 1 
ATOM   182 N  N   . VAL A 1 21 ? -0.590  -5.970  -1.460  1.00 52.17 ?  21   VAL A N   1 
ATOM   183 C  CA  . VAL A 1 21 ? -0.144  -5.744  -0.090  1.00 46.20 ?  21   VAL A CA  1 
ATOM   184 C  C   . VAL A 1 21 ? -1.332  -5.326  0.756   1.00 46.82 ?  21   VAL A C   1 
ATOM   185 O  O   . VAL A 1 21 ? -2.207  -4.586  0.293   1.00 48.22 ?  21   VAL A O   1 
ATOM   186 C  CB  . VAL A 1 21 ? 0.971   -4.676  -0.013  1.00 47.61 ?  21   VAL A CB  1 
ATOM   187 C  CG1 . VAL A 1 21 ? 2.262   -5.255  -0.506  1.00 44.76 ?  21   VAL A CG1 1 
ATOM   188 C  CG2 . VAL A 1 21 ? 0.620   -3.434  -0.840  1.00 39.19 ?  21   VAL A CG2 1 
ATOM   189 N  N   . GLU A 1 22 ? -1.369  -5.801  1.995   1.00 42.71 ?  22   GLU A N   1 
ATOM   190 C  CA  . GLU A 1 22 ? -2.249  -5.229  2.998   1.00 42.51 ?  22   GLU A CA  1 
ATOM   191 C  C   . GLU A 1 22 ? -1.469  -4.499  4.076   1.00 44.01 ?  22   GLU A C   1 
ATOM   192 O  O   . GLU A 1 22 ? -1.747  -3.328  4.356   1.00 44.98 ?  22   GLU A O   1 
ATOM   193 C  CB  . GLU A 1 22 ? -3.153  -6.310  3.614   1.00 50.48 ?  22   GLU A CB  1 
ATOM   194 C  CG  . GLU A 1 22 ? -4.455  -6.477  2.835   1.00 58.66 ?  22   GLU A CG  1 
ATOM   195 C  CD  . GLU A 1 22 ? -5.071  -7.852  2.971   1.00 73.16 ?  22   GLU A CD  1 
ATOM   196 O  OE1 . GLU A 1 22 ? -4.611  -8.643  3.826   1.00 80.82 ?  22   GLU A OE1 1 
ATOM   197 O  OE2 . GLU A 1 22 ? -6.015  -8.143  2.204   1.00 76.02 -1 22   GLU A OE2 1 
ATOM   198 N  N   . THR A 1 23 ? -0.483  -5.150  4.682   1.00 43.11 ?  23   THR A N   1 
ATOM   199 C  CA  . THR A 1 23 ? 0.515   -4.416  5.444   1.00 44.31 ?  23   THR A CA  1 
ATOM   200 C  C   . THR A 1 23 ? 1.506   -3.789  4.475   1.00 41.91 ?  23   THR A C   1 
ATOM   201 O  O   . THR A 1 23 ? 2.036   -4.464  3.585   1.00 44.23 ?  23   THR A O   1 
ATOM   202 C  CB  . THR A 1 23 ? 1.215   -5.330  6.437   1.00 42.57 ?  23   THR A CB  1 
ATOM   203 O  OG1 . THR A 1 23 ? 0.268   -5.712  7.423   1.00 46.31 ?  23   THR A OG1 1 
ATOM   204 C  CG2 . THR A 1 23 ? 2.360   -4.605  7.128   1.00 45.33 ?  23   THR A CG2 1 
ATOM   205 N  N   . ARG A 1 24 ? 1.719   -2.486  4.618   1.00 38.02 ?  24   ARG A N   1 
ATOM   206 C  CA  . ARG A 1 24 ? 2.435   -1.740  3.600   1.00 32.99 ?  24   ARG A CA  1 
ATOM   207 C  C   . ARG A 1 24 ? 3.123   -0.539  4.231   1.00 33.27 ?  24   ARG A C   1 
ATOM   208 O  O   . ARG A 1 24 ? 2.604   0.071   5.172   1.00 34.56 ?  24   ARG A O   1 
ATOM   209 C  CB  . ARG A 1 24 ? 1.490   -1.270  2.492   1.00 32.07 ?  24   ARG A CB  1 
ATOM   210 C  CG  . ARG A 1 24 ? 0.360   -0.388  3.019   1.00 40.24 ?  24   ARG A CG  1 
ATOM   211 C  CD  . ARG A 1 24 ? -0.677  -0.070  1.948   1.00 38.72 ?  24   ARG A CD  1 
ATOM   212 N  NE  . ARG A 1 24 ? -1.856  0.501   2.585   1.00 40.99 ?  24   ARG A NE  1 
ATOM   213 C  CZ  . ARG A 1 24 ? -2.043  1.805   2.750   1.00 41.26 ?  24   ARG A CZ  1 
ATOM   214 N  NH1 . ARG A 1 24 ? -1.135  2.663   2.305   1.00 35.15 ?  24   ARG A NH1 1 
ATOM   215 N  NH2 . ARG A 1 24 ? -3.136  2.252   3.350   1.00 38.82 ?  24   ARG A NH2 1 
ATOM   216 N  N   . TRP A 1 25 ? 4.296   -0.219  3.709   1.00 35.09 ?  25   TRP A N   1 
ATOM   217 C  CA  . TRP A 1 25 ? 4.968   1.023   4.037   1.00 33.51 ?  25   TRP A CA  1 
ATOM   218 C  C   . TRP A 1 25 ? 4.477   2.067   3.049   1.00 38.58 ?  25   TRP A C   1 
ATOM   219 O  O   . TRP A 1 25 ? 4.625   1.894   1.834   1.00 36.25 ?  25   TRP A O   1 
ATOM   220 C  CB  . TRP A 1 25 ? 6.495   0.868   3.971   1.00 33.43 ?  25   TRP A CB  1 
ATOM   221 C  CG  . TRP A 1 25 ? 7.072   0.216   5.186   1.00 38.85 ?  25   TRP A CG  1 
ATOM   222 C  CD1 . TRP A 1 25 ? 7.234   -1.130  5.405   1.00 37.97 ?  25   TRP A CD1 1 
ATOM   223 C  CD2 . TRP A 1 25 ? 7.549   0.875   6.363   1.00 34.06 ?  25   TRP A CD2 1 
ATOM   224 N  NE1 . TRP A 1 25 ? 7.798   -1.336  6.636   1.00 32.94 ?  25   TRP A NE1 1 
ATOM   225 C  CE2 . TRP A 1 25 ? 8.010   -0.122  7.242   1.00 37.43 ?  25   TRP A CE2 1 
ATOM   226 C  CE3 . TRP A 1 25 ? 7.669   2.218   6.741   1.00 32.52 ?  25   TRP A CE3 1 
ATOM   227 C  CZ2 . TRP A 1 25 ? 8.571   0.178   8.486   1.00 36.50 ?  25   TRP A CZ2 1 
ATOM   228 C  CZ3 . TRP A 1 25 ? 8.230   2.518   7.983   1.00 32.70 ?  25   TRP A CZ3 1 
ATOM   229 C  CH2 . TRP A 1 25 ? 8.672   1.503   8.835   1.00 32.10 ?  25   TRP A CH2 1 
ATOM   230 N  N   . HIS A 1 26 ? 3.866   3.133   3.559   1.00 36.82 ?  26   HIS A N   1 
ATOM   231 C  CA  . HIS A 1 26 ? 3.269   4.151   2.712   1.00 33.12 ?  26   HIS A CA  1 
ATOM   232 C  C   . HIS A 1 26 ? 4.127   5.410   2.754   1.00 32.33 ?  26   HIS A C   1 
ATOM   233 O  O   . HIS A 1 26 ? 4.483   5.886   3.837   1.00 33.63 ?  26   HIS A O   1 
ATOM   234 C  CB  . HIS A 1 26 ? 1.835   4.456   3.162   1.00 29.79 ?  26   HIS A CB  1 
ATOM   235 C  CG  . HIS A 1 26 ? 1.154   5.489   2.327   1.00 32.12 ?  26   HIS A CG  1 
ATOM   236 N  ND1 . HIS A 1 26 ? 0.751   5.250   1.031   1.00 34.21 ?  26   HIS A ND1 1 
ATOM   237 C  CD2 . HIS A 1 26 ? 0.813   6.771   2.599   1.00 30.38 ?  26   HIS A CD2 1 
ATOM   238 C  CE1 . HIS A 1 26 ? 0.176   6.336   0.544   1.00 40.09 ?  26   HIS A CE1 1 
ATOM   239 N  NE2 . HIS A 1 26 ? 0.207   7.275   1.474   1.00 40.40 ?  26   HIS A NE2 1 
ATOM   240 N  N   . CYS A 1 27 ? 4.459   5.936   1.583   1.00 36.62 ?  27   CYS A N   1 
ATOM   241 C  CA  . CYS A 1 27 ? 5.261   7.147   1.520   1.00 35.70 ?  27   CYS A CA  1 
ATOM   242 C  C   . CYS A 1 27 ? 4.419   8.349   1.930   1.00 41.92 ?  27   CYS A C   1 
ATOM   243 O  O   . CYS A 1 27 ? 3.273   8.504   1.493   1.00 41.84 ?  27   CYS A O   1 
ATOM   244 C  CB  . CYS A 1 27 ? 5.823   7.343   0.117   1.00 40.24 ?  27   CYS A CB  1 
ATOM   245 S  SG  . CYS A 1 27 ? 6.858   8.807   0.028   1.00 39.94 ?  27   CYS A SG  1 
ATOM   246 N  N   . THR A 1 28 ? 4.970   9.177   2.810   1.00 36.52 ?  28   THR A N   1 
ATOM   247 C  CA  . THR A 1 28 ? 4.254   10.366  3.252   1.00 40.04 ?  28   THR A CA  1 
ATOM   248 C  C   . THR A 1 28 ? 4.375   11.519  2.263   1.00 43.14 ?  28   THR A C   1 
ATOM   249 O  O   . THR A 1 28 ? 3.691   12.533  2.443   1.00 45.35 ?  28   THR A O   1 
ATOM   250 C  CB  . THR A 1 28 ? 4.769   10.817  4.621   1.00 44.64 ?  28   THR A CB  1 
ATOM   251 O  OG1 . THR A 1 28 ? 6.157   11.177  4.511   1.00 42.83 ?  28   THR A OG1 1 
ATOM   252 C  CG2 . THR A 1 28 ? 4.620   9.685   5.645   1.00 42.56 ?  28   THR A CG2 1 
ATOM   253 N  N   . VAL A 1 29 ? 5.195   11.369  1.229   1.00 41.06 ?  29   VAL A N   1 
ATOM   254 C  CA  . VAL A 1 29 ? 5.557   12.437  0.314   1.00 48.15 ?  29   VAL A CA  1 
ATOM   255 C  C   . VAL A 1 29 ? 4.992   12.190  -1.077  1.00 40.57 ?  29   VAL A C   1 
ATOM   256 O  O   . VAL A 1 29 ? 4.323   13.051  -1.642  1.00 43.09 ?  29   VAL A O   1 
ATOM   257 C  CB  . VAL A 1 29 ? 7.095   12.609  0.265   1.00 44.15 ?  29   VAL A CB  1 
ATOM   258 C  CG1 . VAL A 1 29 ? 7.483   13.617  -0.800  1.00 47.25 ?  29   VAL A CG1 1 
ATOM   259 C  CG2 . VAL A 1 29 ? 7.621   13.019  1.644   1.00 47.16 ?  29   VAL A CG2 1 
ATOM   260 N  N   . CYS A 1 30 ? 5.285   11.031  -1.663  1.00 43.40 ?  30   CYS A N   1 
ATOM   261 C  CA  . CYS A 1 30 ? 4.685   10.668  -2.938  1.00 38.79 ?  30   CYS A CA  1 
ATOM   262 C  C   . CYS A 1 30 ? 3.175   10.622  -2.787  1.00 43.59 ?  30   CYS A C   1 
ATOM   263 O  O   . CYS A 1 30 ? 2.639   10.496  -1.683  1.00 42.36 ?  30   CYS A O   1 
ATOM   264 C  CB  . CYS A 1 30 ? 5.222   9.323   -3.428  1.00 37.89 ?  30   CYS A CB  1 
ATOM   265 S  SG  . CYS A 1 30 ? 7.023   9.350   -3.866  1.00 45.05 ?  30   CYS A SG  1 
ATOM   266 N  N   A GLU A 1 31 ? 2.481   10.770  -3.911  0.64 42.52 ?  31   GLU A N   1 
ATOM   267 N  N   B GLU A 1 31 ? 2.484   10.738  -3.917  0.36 42.61 ?  31   GLU A N   1 
ATOM   268 C  CA  A GLU A 1 31 ? 1.031   10.692  -3.859  0.64 48.16 ?  31   GLU A CA  1 
ATOM   269 C  CA  B GLU A 1 31 ? 1.031   10.719  -3.908  0.36 48.14 ?  31   GLU A CA  1 
ATOM   270 C  C   A GLU A 1 31 ? 0.556   9.255   -3.742  0.64 44.22 ?  31   GLU A C   1 
ATOM   271 C  C   B GLU A 1 31 ? 0.456   9.313   -3.993  0.36 44.67 ?  31   GLU A C   1 
ATOM   272 O  O   A GLU A 1 31 ? -0.435  8.988   -3.054  0.64 43.36 ?  31   GLU A O   1 
ATOM   273 O  O   B GLU A 1 31 ? -0.730  9.129   -3.700  0.36 47.69 ?  31   GLU A O   1 
ATOM   274 C  CB  A GLU A 1 31 ? 0.412   11.346  -5.096  0.64 52.04 ?  31   GLU A CB  1 
ATOM   275 C  CB  B GLU A 1 31 ? 0.483   11.566  -5.065  0.36 51.80 ?  31   GLU A CB  1 
ATOM   276 C  CG  A GLU A 1 31 ? -1.096  11.565  -4.977  0.64 54.68 ?  31   GLU A CG  1 
ATOM   277 C  CG  B GLU A 1 31 ? 1.183   12.908  -5.244  0.36 50.43 ?  31   GLU A CG  1 
ATOM   278 C  CD  A GLU A 1 31 ? -1.865  10.991  -6.146  0.64 57.36 ?  31   GLU A CD  1 
ATOM   279 C  CD  B GLU A 1 31 ? 0.267   14.101  -5.004  0.36 56.19 ?  31   GLU A CD  1 
ATOM   280 O  OE1 A GLU A 1 31 ? -1.288  10.901  -7.256  0.64 64.30 ?  31   GLU A OE1 1 
ATOM   281 O  OE1 B GLU A 1 31 ? -0.851  14.129  -5.565  0.36 57.39 ?  31   GLU A OE1 1 
ATOM   282 O  OE2 A GLU A 1 31 ? -3.049  10.629  -5.957  0.64 62.74 -1 31   GLU A OE2 1 
ATOM   283 O  OE2 B GLU A 1 31 ? 0.673   15.020  -4.261  0.36 56.75 -1 31   GLU A OE2 1 
ATOM   284 N  N   . ASP A 1 32 ? 1.261   8.318   -4.370  1.00 40.46 ?  32   ASP A N   1 
ATOM   285 C  CA  . ASP A 1 32 ? 0.724   6.976   -4.563  1.00 46.79 ?  32   ASP A CA  1 
ATOM   286 C  C   . ASP A 1 32 ? 1.797   5.896   -4.510  1.00 38.12 ?  32   ASP A C   1 
ATOM   287 O  O   . ASP A 1 32 ? 1.846   5.018   -5.373  1.00 46.58 ?  32   ASP A O   1 
ATOM   288 C  CB  . ASP A 1 32 ? -0.020  6.921   -5.901  1.00 45.50 ?  32   ASP A CB  1 
ATOM   289 C  CG  . ASP A 1 32 ? -0.859  5.674   -6.054  1.00 39.49 ?  32   ASP A CG  1 
ATOM   290 O  OD1 . ASP A 1 32 ? -1.355  5.183   -5.028  1.00 43.58 ?  32   ASP A OD1 1 
ATOM   291 O  OD2 . ASP A 1 32 ? -1.015  5.182   -7.190  1.00 44.24 -1 32   ASP A OD2 1 
ATOM   292 N  N   . TYR A 1 33 ? 2.656   5.926   -3.495  1.00 38.55 ?  33   TYR A N   1 
ATOM   293 C  CA  . TYR A 1 33 ? 3.794   5.012   -3.428  1.00 41.17 ?  33   TYR A CA  1 
ATOM   294 C  C   . TYR A 1 33 ? 3.703   4.152   -2.174  1.00 35.69 ?  33   TYR A C   1 
ATOM   295 O  O   . TYR A 1 33 ? 3.685   4.675   -1.055  1.00 37.45 ?  33   TYR A O   1 
ATOM   296 C  CB  . TYR A 1 33 ? 5.120   5.786   -3.465  1.00 45.85 ?  33   TYR A CB  1 
ATOM   297 C  CG  . TYR A 1 33 ? 6.328   4.911   -3.726  1.00 42.76 ?  33   TYR A CG  1 
ATOM   298 C  CD1 . TYR A 1 33 ? 6.763   4.645   -5.027  1.00 44.93 ?  33   TYR A CD1 1 
ATOM   299 C  CD2 . TYR A 1 33 ? 7.029   4.341   -2.668  1.00 42.98 ?  33   TYR A CD2 1 
ATOM   300 C  CE1 . TYR A 1 33 ? 7.861   3.838   -5.260  1.00 45.37 ?  33   TYR A CE1 1 
ATOM   301 C  CE2 . TYR A 1 33 ? 8.132   3.527   -2.888  1.00 42.63 ?  33   TYR A CE2 1 
ATOM   302 C  CZ  . TYR A 1 33 ? 8.542   3.284   -4.186  1.00 45.86 ?  33   TYR A CZ  1 
ATOM   303 O  OH  . TYR A 1 33 ? 9.630   2.480   -4.396  1.00 45.77 ?  33   TYR A OH  1 
ATOM   304 N  N   . ASP A 1 34 ? 3.667   2.832   -2.362  1.00 36.71 ?  34   ASP A N   1 
ATOM   305 C  CA  . ASP A 1 34 ? 3.650   1.877   -1.266  1.00 33.06 ?  34   ASP A CA  1 
ATOM   306 C  C   . ASP A 1 34 ? 4.689   0.784   -1.517  1.00 31.77 ?  34   ASP A C   1 
ATOM   307 O  O   . ASP A 1 34 ? 4.999   0.451   -2.664  1.00 43.30 ?  34   ASP A O   1 
ATOM   308 C  CB  . ASP A 1 34 ? 2.248   1.255   -1.101  1.00 35.05 ?  34   ASP A CB  1 
ATOM   309 C  CG  . ASP A 1 34 ? 1.175   2.299   -0.859  1.00 33.75 ?  34   ASP A CG  1 
ATOM   310 O  OD1 . ASP A 1 34 ? 0.986   2.690   0.310   1.00 36.80 -1 34   ASP A OD1 1 
ATOM   311 O  OD2 . ASP A 1 34 ? 0.548   2.765   -1.841  1.00 33.31 ?  34   ASP A OD2 1 
ATOM   312 N  N   . LEU A 1 35 ? 5.216   0.217   -0.429  1.00 32.87 ?  35   LEU A N   1 
ATOM   313 C  CA  . LEU A 1 35 ? 6.126   -0.914  -0.487  1.00 36.17 ?  35   LEU A CA  1 
ATOM   314 C  C   . LEU A 1 35 ? 5.637   -2.029  0.418   1.00 34.43 ?  35   LEU A C   1 
ATOM   315 O  O   . LEU A 1 35 ? 5.190   -1.779  1.542   1.00 40.38 ?  35   LEU A O   1 
ATOM   316 C  CB  . LEU A 1 35 ? 7.550   -0.523  -0.054  1.00 39.73 ?  35   LEU A CB  1 
ATOM   317 C  CG  . LEU A 1 35 ? 8.331   0.453   -0.921  1.00 38.96 ?  35   LEU A CG  1 
ATOM   318 C  CD1 . LEU A 1 35 ? 9.709   0.684   -0.324  1.00 44.35 ?  35   LEU A CD1 1 
ATOM   319 C  CD2 . LEU A 1 35 ? 8.443   -0.112  -2.320  1.00 38.88 ?  35   LEU A CD2 1 
ATOM   320 N  N   . CYS A 1 36 ? 5.754   -3.265  -0.064  1.00 35.12 ?  36   CYS A N   1 
ATOM   321 C  CA  . CYS A 1 36 ? 5.653   -4.416  0.817   1.00 38.28 ?  36   CYS A CA  1 
ATOM   322 C  C   . CYS A 1 36 ? 6.821   -4.419  1.799   1.00 38.46 ?  36   CYS A C   1 
ATOM   323 O  O   . CYS A 1 36 ? 7.824   -3.717  1.623   1.00 40.13 ?  36   CYS A O   1 
ATOM   324 C  CB  . CYS A 1 36 ? 5.615   -5.725  0.014   1.00 43.15 ?  36   CYS A CB  1 
ATOM   325 S  SG  . CYS A 1 36 ? 7.139   -6.174  -0.892  1.00 42.10 ?  36   CYS A SG  1 
ATOM   326 N  N   . ILE A 1 37 ? 6.672   -5.209  2.858   1.00 38.80 ?  37   ILE A N   1 
ATOM   327 C  CA  . ILE A 1 37 ? 7.682   -5.203  3.907   1.00 43.10 ?  37   ILE A CA  1 
ATOM   328 C  C   . ILE A 1 37 ? 9.027   -5.673  3.367   1.00 51.25 ?  37   ILE A C   1 
ATOM   329 O  O   . ILE A 1 37 ? 10.075  -5.099  3.686   1.00 48.70 ?  37   ILE A O   1 
ATOM   330 C  CB  . ILE A 1 37 ? 7.208   -6.049  5.099   1.00 46.44 ?  37   ILE A CB  1 
ATOM   331 C  CG1 . ILE A 1 37 ? 5.972   -5.398  5.725   1.00 51.05 ?  37   ILE A CG1 1 
ATOM   332 C  CG2 . ILE A 1 37 ? 8.332   -6.207  6.110   1.00 54.27 ?  37   ILE A CG2 1 
ATOM   333 C  CD1 . ILE A 1 37 ? 5.791   -5.701  7.174   1.00 53.64 ?  37   ILE A CD1 1 
ATOM   334 N  N   . THR A 1 38 ? 9.019   -6.692  2.509   1.00 46.48 ?  38   THR A N   1 
ATOM   335 C  CA  . THR A 1 38 ? 10.272  -7.197  1.957   1.00 52.72 ?  38   THR A CA  1 
ATOM   336 C  C   . THR A 1 38 ? 10.979  -6.134  1.125   1.00 49.38 ?  38   THR A C   1 
ATOM   337 O  O   . THR A 1 38 ? 12.174  -5.886  1.307   1.00 47.64 ?  38   THR A O   1 
ATOM   338 C  CB  . THR A 1 38 ? 10.005  -8.449  1.134   1.00 51.13 ?  38   THR A CB  1 
ATOM   339 O  OG1 . THR A 1 38 ? 9.131   -9.313  1.879   1.00 48.94 ?  38   THR A OG1 1 
ATOM   340 C  CG2 . THR A 1 38 ? 11.302  -9.176  0.872   1.00 50.07 ?  38   THR A CG2 1 
ATOM   341 N  N   . CYS A 1 39 ? 10.251  -5.475  0.222   1.00 42.08 ?  39   CYS A N   1 
ATOM   342 C  CA  . CYS A 1 39 ? 10.853  -4.410  -0.574  1.00 40.18 ?  39   CYS A CA  1 
ATOM   343 C  C   . CYS A 1 39 ? 11.259  -3.205  0.271   1.00 47.90 ?  39   CYS A C   1 
ATOM   344 O  O   . CYS A 1 39 ? 12.254  -2.535  -0.052  1.00 47.23 ?  39   CYS A O   1 
ATOM   345 C  CB  . CYS A 1 39 ? 9.891   -3.966  -1.672  1.00 44.68 ?  39   CYS A CB  1 
ATOM   346 S  SG  . CYS A 1 39 ? 9.740   -5.121  -3.051  1.00 46.55 ?  39   CYS A SG  1 
ATOM   347 N  N   . TYR A 1 40 ? 10.503  -2.892  1.333   1.00 43.61 ?  40   TYR A N   1 
ATOM   348 C  CA  . TYR A 1 40 ? 10.923  -1.822  2.240   1.00 41.49 ?  40   TYR A CA  1 
ATOM   349 C  C   . TYR A 1 40 ? 12.298  -2.121  2.816   1.00 45.41 ?  40   TYR A C   1 
ATOM   350 O  O   . TYR A 1 40 ? 13.197  -1.272  2.805   1.00 39.41 ?  40   TYR A O   1 
ATOM   351 C  CB  . TYR A 1 40 ? 9.923   -1.628  3.395   1.00 35.37 ?  40   TYR A CB  1 
ATOM   352 C  CG  . TYR A 1 40 ? 10.410  -0.566  4.374   1.00 32.81 ?  40   TYR A CG  1 
ATOM   353 C  CD1 . TYR A 1 40 ? 10.282  0.768   4.074   1.00 34.66 ?  40   TYR A CD1 1 
ATOM   354 C  CD2 . TYR A 1 40 ? 11.041  -0.900  5.573   1.00 39.52 ?  40   TYR A CD2 1 
ATOM   355 C  CE1 . TYR A 1 40 ? 10.749  1.761   4.940   1.00 36.77 ?  40   TYR A CE1 1 
ATOM   356 C  CE2 . TYR A 1 40 ? 11.528  0.106   6.442   1.00 38.89 ?  40   TYR A CE2 1 
ATOM   357 C  CZ  . TYR A 1 40 ? 11.366  1.436   6.106   1.00 38.65 ?  40   TYR A CZ  1 
ATOM   358 O  OH  . TYR A 1 40 ? 11.813  2.480   6.896   1.00 35.84 ?  40   TYR A OH  1 
ATOM   359 N  N   . ASN A 1 41 ? 12.463  -3.329  3.346   1.00 42.74 ?  41   ASN A N   1 
ATOM   360 C  CA  . ASN A 1 41 ? 13.707  -3.793  3.939   1.00 54.37 ?  41   ASN A CA  1 
ATOM   361 C  C   . ASN A 1 41 ? 14.784  -4.102  2.912   1.00 50.78 ?  41   ASN A C   1 
ATOM   362 O  O   . ASN A 1 41 ? 15.882  -4.487  3.319   1.00 70.38 ?  41   ASN A O   1 
ATOM   363 C  CB  . ASN A 1 41 ? 13.441  -5.040  4.783   1.00 49.95 ?  41   ASN A CB  1 
ATOM   364 C  CG  . ASN A 1 41 ? 12.627  -4.746  6.022   1.00 57.38 ?  41   ASN A CG  1 
ATOM   365 O  OD1 . ASN A 1 41 ? 11.481  -5.169  6.126   1.00 66.91 ?  41   ASN A OD1 1 
ATOM   366 N  ND2 . ASN A 1 41 ? 13.225  -4.050  6.985   1.00 53.84 ?  41   ASN A ND2 1 
ATOM   367 N  N   . THR A 1 42 ? 14.520  -3.941  1.614   1.00 55.82 ?  42   THR A N   1 
ATOM   368 C  CA  . THR A 1 42 ? 15.486  -4.281  0.574   1.00 57.88 ?  42   THR A CA  1 
ATOM   369 C  C   . THR A 1 42 ? 15.931  -3.073  -0.236  1.00 62.57 ?  42   THR A C   1 
ATOM   370 O  O   . THR A 1 42 ? 17.135  -2.838  -0.374  1.00 56.94 ?  42   THR A O   1 
ATOM   371 C  CB  . THR A 1 42 ? 14.900  -5.352  -0.365  1.00 50.55 ?  42   THR A CB  1 
ATOM   372 O  OG1 . THR A 1 42 ? 15.000  -6.641  0.253   1.00 52.36 ?  42   THR A OG1 1 
ATOM   373 C  CG2 . THR A 1 42 ? 15.650  -5.376  -1.687  1.00 62.45 ?  42   THR A CG2 1 
ATOM   374 N  N   . LYS A 1 43 ? 14.996  -2.310  -0.792  1.00 53.52 ?  43   LYS A N   1 
ATOM   375 C  CA  . LYS A 1 43 ? 15.291  -1.120  -1.587  1.00 56.68 ?  43   LYS A CA  1 
ATOM   376 C  C   . LYS A 1 43 ? 14.525  0.017   -0.932  1.00 70.62 ?  43   LYS A C   1 
ATOM   377 O  O   . LYS A 1 43 ? 13.325  0.187   -1.171  1.00 80.80 ?  43   LYS A O   1 
ATOM   378 C  CB  . LYS A 1 43 ? 14.886  -1.308  -3.049  1.00 66.58 ?  43   LYS A CB  1 
ATOM   379 C  CG  . LYS A 1 43 ? 14.944  -0.033  -3.894  1.00 71.56 ?  43   LYS A CG  1 
ATOM   380 C  CD  . LYS A 1 43 ? 13.568  0.478   -4.285  1.00 67.62 ?  43   LYS A CD  1 
ATOM   381 C  CE  . LYS A 1 43 ? 13.611  1.105   -5.663  1.00 65.76 ?  43   LYS A CE  1 
ATOM   382 N  NZ  . LYS A 1 43 ? 14.700  2.120   -5.758  1.00 74.51 ?  43   LYS A NZ  1 
ATOM   383 N  N   . ASN A 1 44 ? 15.187  0.782   -0.083  1.00 67.32 ?  44   ASN A N   1 
ATOM   384 C  CA  . ASN A 1 44 ? 14.446  1.706   0.761   1.00 80.74 ?  44   ASN A CA  1 
ATOM   385 C  C   . ASN A 1 44 ? 14.232  3.012   0.000   1.00 70.05 ?  44   ASN A C   1 
ATOM   386 O  O   . ASN A 1 44 ? 15.111  3.473   -0.735  1.00 80.57 ?  44   ASN A O   1 
ATOM   387 C  CB  . ASN A 1 44 ? 15.171  1.917   2.096   1.00 75.37 ?  44   ASN A CB  1 
ATOM   388 C  CG  . ASN A 1 44 ? 14.262  2.492   3.190   1.00 59.17 ?  44   ASN A CG  1 
ATOM   389 O  OD1 . ASN A 1 44 ? 13.626  3.527   3.013   1.00 44.48 ?  44   ASN A OD1 1 
ATOM   390 N  ND2 . ASN A 1 44 ? 14.188  1.790   4.324   1.00 51.64 ?  44   ASN A ND2 1 
ATOM   391 N  N   . HIS A 1 45 ? 13.041  3.562   0.151   1.00 53.71 ?  45   HIS A N   1 
ATOM   392 C  CA  . HIS A 1 45 ? 12.606  4.767   -0.535  1.00 57.46 ?  45   HIS A CA  1 
ATOM   393 C  C   . HIS A 1 45 ? 13.129  6.005   0.181   1.00 44.24 ?  45   HIS A C   1 
ATOM   394 O  O   . HIS A 1 45 ? 13.105  6.077   1.410   1.00 39.73 ?  45   HIS A O   1 
ATOM   395 C  CB  . HIS A 1 45 ? 11.081  4.766   -0.547  1.00 36.69 ?  45   HIS A CB  1 
ATOM   396 C  CG  . HIS A 1 45 ? 10.443  5.777   -1.429  1.00 39.80 ?  45   HIS A CG  1 
ATOM   397 N  ND1 . HIS A 1 45 ? 10.553  5.745   -2.800  1.00 40.71 ?  45   HIS A ND1 1 
ATOM   398 C  CD2 . HIS A 1 45 ? 9.646   6.829   -1.133  1.00 37.28 ?  45   HIS A CD2 1 
ATOM   399 C  CE1 . HIS A 1 45 ? 9.859   6.744   -3.313  1.00 51.64 ?  45   HIS A CE1 1 
ATOM   400 N  NE2 . HIS A 1 45 ? 9.296   7.417   -2.323  1.00 44.78 ?  45   HIS A NE2 1 
ATOM   401 N  N   . ASP A 1 46 ? 13.572  6.994   -0.590  1.00 46.61 ?  46   ASP A N   1 
ATOM   402 C  CA  . ASP A 1 46 ? 14.280  8.148   -0.027  1.00 45.88 ?  46   ASP A CA  1 
ATOM   403 C  C   . ASP A 1 46 ? 13.325  9.224   0.462   1.00 51.39 ?  46   ASP A C   1 
ATOM   404 O  O   . ASP A 1 46 ? 13.603  10.421  0.325   1.00 45.97 ?  46   ASP A O   1 
ATOM   405 C  CB  . ASP A 1 46 ? 15.267  8.704   -1.055  1.00 50.46 ?  46   ASP A CB  1 
ATOM   406 C  CG  . ASP A 1 46 ? 16.312  9.639   -0.434  1.00 57.34 ?  46   ASP A CG  1 
ATOM   407 O  OD1 . ASP A 1 46 ? 16.861  9.327   0.651   1.00 46.20 ?  46   ASP A OD1 1 
ATOM   408 O  OD2 . ASP A 1 46 ? 16.585  10.694  -1.041  1.00 57.38 -1 46   ASP A OD2 1 
ATOM   409 N  N   . HIS A 1 47 ? 12.199  8.805   1.051   1.00 39.54 ?  47   HIS A N   1 
ATOM   410 C  CA  . HIS A 1 47 ? 11.250  9.676   1.733   1.00 44.14 ?  47   HIS A CA  1 
ATOM   411 C  C   . HIS A 1 47 ? 10.833  9.021   3.039   1.00 38.91 ?  47   HIS A C   1 
ATOM   412 O  O   . HIS A 1 47 ? 10.888  7.794   3.189   1.00 37.98 ?  47   HIS A O   1 
ATOM   413 C  CB  . HIS A 1 47 ? 9.959   9.917   0.924   1.00 42.19 ?  47   HIS A CB  1 
ATOM   414 C  CG  . HIS A 1 47 ? 10.124  10.821  -0.254  1.00 47.16 ?  47   HIS A CG  1 
ATOM   415 N  ND1 . HIS A 1 47 ? 9.506   10.578  -1.463  1.00 50.54 ?  47   HIS A ND1 1 
ATOM   416 C  CD2 . HIS A 1 47 ? 10.804  11.982  -0.405  1.00 49.12 ?  47   HIS A CD2 1 
ATOM   417 C  CE1 . HIS A 1 47 ? 9.812   11.541  -2.313  1.00 44.42 ?  47   HIS A CE1 1 
ATOM   418 N  NE2 . HIS A 1 47 ? 10.597  12.407  -1.694  1.00 45.69 ?  47   HIS A NE2 1 
ATOM   419 N  N   . LYS A 1 48 ? 10.360  9.853   3.966   1.00 32.65 ?  48   LYS A N   1 
ATOM   420 C  CA  . LYS A 1 48 ? 9.741   9.341   5.179   1.00 39.30 ?  48   LYS A CA  1 
ATOM   421 C  C   . LYS A 1 48 ? 8.521   8.501   4.821   1.00 42.34 ?  48   LYS A C   1 
ATOM   422 O  O   . LYS A 1 48 ? 7.731   8.866   3.942   1.00 36.03 ?  48   LYS A O   1 
ATOM   423 C  CB  . LYS A 1 48 ? 9.337   10.483  6.106   1.00 38.40 ?  48   LYS A CB  1 
ATOM   424 C  CG  . LYS A 1 48 ? 10.455  10.936  7.043   1.00 52.85 ?  48   LYS A CG  1 
ATOM   425 C  CD  . LYS A 1 48 ? 10.075  12.206  7.791   1.00 58.47 ?  48   LYS A CD  1 
ATOM   426 C  CE  . LYS A 1 48 ? 9.325   11.893  9.076   1.00 59.83 ?  48   LYS A CE  1 
ATOM   427 N  NZ  . LYS A 1 48 ? 9.236   13.093  9.957   1.00 67.25 ?  48   LYS A NZ  1 
ATOM   428 N  N   . MET A 1 49 ? 8.401   7.358   5.498   1.00 34.26 ?  49   MET A N   1 
ATOM   429 C  CA  . MET A 1 49 ? 7.366   6.361   5.257   1.00 36.63 ?  49   MET A CA  1 
ATOM   430 C  C   . MET A 1 49 ? 6.646   6.039   6.562   1.00 34.46 ?  49   MET A C   1 
ATOM   431 O  O   . MET A 1 49 ? 7.198   6.199   7.657   1.00 36.44 ?  49   MET A O   1 
ATOM   432 C  CB  . MET A 1 49 ? 7.983   5.101   4.660   1.00 30.80 ?  49   MET A CB  1 
ATOM   433 C  CG  . MET A 1 49 ? 8.686   5.378   3.333   1.00 40.97 ?  49   MET A CG  1 
ATOM   434 S  SD  . MET A 1 49 ? 8.825   4.045   2.170   1.00 41.26 ?  49   MET A SD  1 
ATOM   435 C  CE  . MET A 1 49 ? 10.506  3.473   2.324   1.00 67.15 ?  49   MET A CE  1 
ATOM   436 N  N   . GLU A 1 50 ? 5.394   5.585   6.448   1.00 34.82 ?  50   GLU A N   1 
ATOM   437 C  CA  . GLU A 1 50 ? 4.704   5.070   7.618   1.00 31.31 ?  50   GLU A CA  1 
ATOM   438 C  C   . GLU A 1 50 ? 4.144   3.689   7.312   1.00 29.25 ?  50   GLU A C   1 
ATOM   439 O  O   . GLU A 1 50 ? 3.753   3.383   6.180   1.00 32.39 ?  50   GLU A O   1 
ATOM   440 C  CB  . GLU A 1 50 ? 3.599   6.021   8.099   1.00 38.48 ?  50   GLU A CB  1 
ATOM   441 C  CG  . GLU A 1 50 ? 2.578   6.360   7.061   1.00 47.41 ?  50   GLU A CG  1 
ATOM   442 C  CD  . GLU A 1 50 ? 1.664   7.493   7.504   1.00 60.62 ?  50   GLU A CD  1 
ATOM   443 O  OE1 . GLU A 1 50 ? 1.997   8.178   8.499   1.00 60.86 ?  50   GLU A OE1 1 
ATOM   444 O  OE2 . GLU A 1 50 ? 0.624   7.700   6.846   1.00 60.63 -1 50   GLU A OE2 1 
ATOM   445 N  N   . LYS A 1 51 ? 4.165   2.838   8.321   1.00 31.82 ?  51   LYS A N   1 
ATOM   446 C  CA  . LYS A 1 51 ? 3.757   1.449   8.166   1.00 35.94 ?  51   LYS A CA  1 
ATOM   447 C  C   . LYS A 1 51 ? 2.277   1.352   8.530   1.00 33.13 ?  51   LYS A C   1 
ATOM   448 O  O   . LYS A 1 51 ? 1.895   1.584   9.683   1.00 38.08 ?  51   LYS A O   1 
ATOM   449 C  CB  . LYS A 1 51 ? 4.610   0.540   9.045   1.00 35.12 ?  51   LYS A CB  1 
ATOM   450 C  CG  . LYS A 1 51 ? 4.436   -0.951  8.793   1.00 38.43 ?  51   LYS A CG  1 
ATOM   451 C  CD  . LYS A 1 51 ? 5.394   -1.750  9.665   1.00 42.16 ?  51   LYS A CD  1 
ATOM   452 C  CE  . LYS A 1 51 ? 5.124   -3.242  9.590   1.00 53.84 ?  51   LYS A CE  1 
ATOM   453 N  NZ  . LYS A 1 51 ? 6.092   -4.021  10.414  1.00 58.15 ?  51   LYS A NZ  1 
ATOM   454 N  N   . LEU A 1 52 ? 1.453   1.004   7.551   1.00 35.25 ?  52   LEU A N   1 
ATOM   455 C  CA  . LEU A 1 52 ? 0.009   0.897   7.734   1.00 44.27 ?  52   LEU A CA  1 
ATOM   456 C  C   . LEU A 1 52 ? -0.440  -0.540  7.516   1.00 43.49 ?  52   LEU A C   1 
ATOM   457 O  O   . LEU A 1 52 ? 0.169   -1.283  6.743   1.00 43.08 ?  52   LEU A O   1 
ATOM   458 C  CB  . LEU A 1 52 ? -0.737  1.836   6.773   1.00 36.64 ?  52   LEU A CB  1 
ATOM   459 C  CG  . LEU A 1 52 ? -0.226  3.278   6.846   1.00 43.35 ?  52   LEU A CG  1 
ATOM   460 C  CD1 . LEU A 1 52 ? -0.732  4.129   5.691   1.00 42.07 ?  52   LEU A CD1 1 
ATOM   461 C  CD2 . LEU A 1 52 ? -0.622  3.888   8.178   1.00 46.31 ?  52   LEU A CD2 1 
ATOM   462 N  N   . GLY A 1 53 ? -1.518  -0.931  8.198   1.00 49.02 ?  53   GLY A N   1 
ATOM   463 C  CA  . GLY A 1 53 ? -2.005  -2.306  8.117   1.00 47.58 ?  53   GLY A CA  1 
ATOM   464 C  C   . GLY A 1 53 ? -3.478  -2.454  7.786   1.00 55.73 ?  53   GLY A C   1 
ATOM   465 O  O   . GLY A 1 53 ? -4.050  -1.629  7.073   1.00 56.55 ?  53   GLY A O   1 
HETATM 466 ZN ZN  . ZN  B 2 .  ? 7.339   -5.385  -2.808  1.00 54.91 ?  5001 ZN  A ZN  1 
HETATM 467 ZN ZN  . ZN  C 2 .  ? 8.083   8.848   -1.877  1.00 52.36 ?  5002 ZN  A ZN  1 
HETATM 468 CL CL  . CL  D 3 .  ? 9.198   -3.827  8.715   1.00 65.73 ?  5003 CL  A CL  1 
HETATM 469 O  O   . HOH E 4 .  ? 15.421  3.410   -2.769  1.00 79.30 ?  5101 HOH A O   1 
HETATM 470 O  O   . HOH E 4 .  ? 17.103  3.683   0.205   1.00 61.53 ?  5102 HOH A O   1 
HETATM 471 O  O   . HOH E 4 .  ? 15.601  12.883  -0.678  1.00 69.30 ?  5103 HOH A O   1 
HETATM 472 O  O   . HOH E 4 .  ? 6.791   -8.516  2.075   1.00 51.36 ?  5104 HOH A O   1 
HETATM 473 O  O   . HOH E 4 .  ? -34.847 -8.402  1.437   1.00 44.81 ?  5105 HOH A O   1 
HETATM 474 O  O   . HOH E 4 .  ? -10.555 0.503   1.429   1.00 45.58 ?  5106 HOH A O   1 
HETATM 475 O  O   . HOH E 4 .  ? -17.071 2.190   0.569   1.00 39.36 ?  5107 HOH A O   1 
HETATM 476 O  O   . HOH E 4 .  ? 2.457   0.535   11.980  1.00 39.46 ?  5108 HOH A O   1 
HETATM 477 O  O   . HOH E 4 .  ? 15.388  -0.344  5.293   1.00 63.08 ?  5109 HOH A O   1 
HETATM 478 O  O   . HOH E 4 .  ? -4.312  -1.527  -6.418  1.00 42.84 ?  5110 HOH A O   1 
HETATM 479 O  O   . HOH E 4 .  ? 4.045   -6.180  3.337   1.00 45.08 ?  5111 HOH A O   1 
HETATM 480 O  O   . HOH E 4 .  ? -4.731  -4.275  -0.464  1.00 43.33 ?  5112 HOH A O   1 
HETATM 481 O  O   . HOH E 4 .  ? -1.168  4.780   -2.291  1.00 44.26 ?  5113 HOH A O   1 
HETATM 482 O  O   . HOH E 4 .  ? -25.125 -4.555  -4.742  1.00 32.48 ?  5114 HOH A O   1 
HETATM 483 O  O   . HOH E 4 .  ? -30.524 -6.948  -2.702  1.00 41.76 ?  5115 HOH A O   1 
HETATM 484 O  O   . HOH E 4 .  ? -29.473 -4.411  -4.173  1.00 49.47 ?  5116 HOH A O   1 
HETATM 485 O  O   . HOH E 4 .  ? -6.683  -7.520  -7.522  1.00 78.70 ?  5117 HOH A O   1 
HETATM 486 O  O   . HOH E 4 .  ? -24.202 -2.090  -8.405  1.00 42.26 ?  5118 HOH A O   1 
HETATM 487 O  O   . HOH E 4 .  ? -3.699  -1.586  3.425   1.00 46.02 ?  5119 HOH A O   1 
HETATM 488 O  O   . HOH E 4 .  ? -8.190  -1.628  2.145   1.00 59.58 ?  5120 HOH A O   1 
HETATM 489 O  O   . HOH E 4 .  ? -2.511  -5.510  7.501   1.00 55.75 ?  5121 HOH A O   1 
HETATM 490 O  O   . HOH E 4 .  ? 13.952  6.957   -3.379  1.00 51.97 ?  5122 HOH A O   1 
HETATM 491 O  O   . HOH E 4 .  ? 2.134   7.747   -1.201  1.00 42.48 ?  5123 HOH A O   1 
HETATM 492 O  O   . HOH E 4 .  ? -29.373 -1.549  -0.679  1.00 58.87 ?  5124 HOH A O   1 
HETATM 493 O  O   . HOH E 4 .  ? -2.185  -0.654  -8.154  1.00 48.00 ?  5125 HOH A O   1 
HETATM 494 O  O   . HOH E 4 .  ? -28.695 0.792   0.283   1.00 55.58 ?  5126 HOH A O   1 
HETATM 495 O  O   . HOH E 4 .  ? -2.571  5.269   2.573   1.00 44.75 ?  5127 HOH A O   1 
HETATM 496 O  O   . HOH E 4 .  ? -0.599  7.199   -9.462  1.00 61.06 ?  5128 HOH A O   1 
HETATM 497 O  O   . HOH E 4 .  ? -9.102  -8.280  2.217   1.00 69.65 ?  5129 HOH A O   1 
HETATM 498 O  O   . HOH E 4 .  ? 10.912  12.935  3.693   1.00 40.14 ?  5130 HOH A O   1 
HETATM 499 O  O   . HOH E 4 .  ? 12.712  -6.141  9.337   1.00 64.37 ?  5131 HOH A O   1 
HETATM 500 O  O   . HOH E 4 .  ? 6.221   4.289   -8.997  1.00 61.63 ?  5132 HOH A O   1 
HETATM 501 O  O   . HOH E 4 .  ? -2.868  1.442   10.004  1.00 47.72 ?  5133 HOH A O   1 
HETATM 502 O  O   . HOH E 4 .  ? 0.679   -8.005  3.378   1.00 51.26 ?  5134 HOH A O   1 
HETATM 503 O  O   . HOH E 4 .  ? -7.561  1.586   3.268   1.00 62.04 ?  5135 HOH A O   1 
HETATM 504 O  O   . HOH E 4 .  ? 18.152  6.219   0.993   1.00 62.31 ?  5136 HOH A O   1 
HETATM 505 O  O   . HOH E 4 .  ? 3.778   7.942   -6.646  1.00 48.18 ?  5137 HOH A O   1 
HETATM 506 O  O   . HOH E 4 .  ? -2.176  -8.880  -9.117  1.00 84.85 ?  5138 HOH A O   1 
HETATM 507 O  O   . HOH E 4 .  ? 1.656   -1.515  11.474  1.00 62.27 ?  5139 HOH A O   1 
HETATM 508 O  O   . HOH E 4 .  ? -29.356 -12.680 7.017   1.00 54.95 ?  5140 HOH A O   1 
HETATM 509 O  O   . HOH E 4 .  ? 9.562   -2.856  10.736  1.00 53.88 ?  5141 HOH A O   1 
HETATM 510 O  O   . HOH E 4 .  ? -5.269  7.741   -7.444  1.00 58.47 ?  5142 HOH A O   1 
HETATM 511 O  O   . HOH E 4 .  ? 15.834  0.549   7.763   1.00 55.98 ?  5143 HOH A O   1 
HETATM 512 O  O   . HOH E 4 .  ? 5.018   3.739   -10.711 1.00 60.07 ?  5144 HOH A O   1 
HETATM 513 O  O   . HOH E 4 .  ? 11.773  8.366   -5.651  1.00 56.50 ?  5145 HOH A O   1 
HETATM 514 O  O   . HOH E 4 .  ? 12.537  9.588   -4.011  1.00 64.70 ?  5146 HOH A O   1 
HETATM 515 O  O   . HOH E 4 .  ? -35.852 -6.100  1.858   1.00 53.60 ?  5147 HOH A O   1 
HETATM 516 O  O   . HOH E 4 .  ? -5.687  -3.214  2.197   1.00 51.17 ?  5148 HOH A O   1 
HETATM 517 O  O   . HOH E 4 .  ? 0.927   2.663   -10.037 1.00 63.09 ?  5149 HOH A O   1 
HETATM 518 O  O   . HOH E 4 .  ? 0.702   -3.374  11.040  1.00 61.31 ?  5150 HOH A O   1 
HETATM 519 O  O   . HOH E 4 .  ? -2.044  -11.219 0.981   1.00 67.99 ?  5151 HOH A O   1 
HETATM 520 O  O   . HOH E 4 .  ? -4.250  6.921   -9.892  1.00 65.25 ?  5152 HOH A O   1 
HETATM 521 O  O   . HOH E 4 .  ? -1.973  -11.982 -1.369  1.00 64.99 ?  5153 HOH A O   1 
HETATM 522 O  O   . HOH E 4 .  ? 9.365   14.622  4.844   1.00 60.24 ?  5154 HOH A O   1 
HETATM 523 O  O   . HOH E 4 .  ? 12.105  15.547  12.791  1.00 65.96 ?  5155 HOH A O   1 
HETATM 524 O  O   . HOH E 4 .  ? 7.405   6.268   -8.356  1.00 66.63 ?  5156 HOH A O   1 
HETATM 525 O  O   . HOH E 4 .  ? 1.177   4.367   -11.642 1.00 74.75 ?  5157 HOH A O   1 
# 
